data_4E7Y
# 
_entry.id   4E7Y 
# 
_audit_conform.dict_name       mmcif_pdbx.dic 
_audit_conform.dict_version    5.387 
_audit_conform.dict_location   http://mmcif.pdb.org/dictionaries/ascii/mmcif_pdbx.dic 
# 
loop_
_database_2.database_id 
_database_2.database_code 
_database_2.pdbx_database_accession 
_database_2.pdbx_DOI 
PDB   4E7Y         pdb_00004e7y 10.2210/pdb4e7y/pdb 
NDB   NA1692       ?            ?                   
RCSB  RCSB071282   ?            ?                   
WWPDB D_1000071282 ?            ?                   
# 
loop_
_pdbx_audit_revision_history.ordinal 
_pdbx_audit_revision_history.data_content_type 
_pdbx_audit_revision_history.major_revision 
_pdbx_audit_revision_history.minor_revision 
_pdbx_audit_revision_history.revision_date 
1 'Structure model' 1 0 2012-07-04 
2 'Structure model' 1 1 2013-04-24 
3 'Structure model' 1 2 2013-06-19 
4 'Structure model' 1 3 2017-11-15 
5 'Structure model' 1 4 2024-02-28 
# 
_pdbx_audit_revision_details.ordinal             1 
_pdbx_audit_revision_details.revision_ordinal    1 
_pdbx_audit_revision_details.data_content_type   'Structure model' 
_pdbx_audit_revision_details.provider            repository 
_pdbx_audit_revision_details.type                'Initial release' 
_pdbx_audit_revision_details.description         ? 
_pdbx_audit_revision_details.details             ? 
# 
loop_
_pdbx_audit_revision_group.ordinal 
_pdbx_audit_revision_group.revision_ordinal 
_pdbx_audit_revision_group.data_content_type 
_pdbx_audit_revision_group.group 
1 2 'Structure model' 'Non-polymer description' 
2 3 'Structure model' 'Database references'     
3 4 'Structure model' 'Refinement description'  
4 5 'Structure model' 'Data collection'         
5 5 'Structure model' 'Database references'     
6 5 'Structure model' 'Derived calculations'    
# 
loop_
_pdbx_audit_revision_category.ordinal 
_pdbx_audit_revision_category.revision_ordinal 
_pdbx_audit_revision_category.data_content_type 
_pdbx_audit_revision_category.category 
1 4 'Structure model' software               
2 5 'Structure model' chem_comp_atom         
3 5 'Structure model' chem_comp_bond         
4 5 'Structure model' database_2             
5 5 'Structure model' pdbx_struct_conn_angle 
6 5 'Structure model' struct_conn            
7 5 'Structure model' struct_site            
# 
loop_
_pdbx_audit_revision_item.ordinal 
_pdbx_audit_revision_item.revision_ordinal 
_pdbx_audit_revision_item.data_content_type 
_pdbx_audit_revision_item.item 
1  4 'Structure model' '_software.classification'                    
2  4 'Structure model' '_software.name'                              
3  4 'Structure model' '_software.version'                           
4  5 'Structure model' '_database_2.pdbx_DOI'                        
5  5 'Structure model' '_database_2.pdbx_database_accession'         
6  5 'Structure model' '_pdbx_struct_conn_angle.ptnr1_auth_comp_id'  
7  5 'Structure model' '_pdbx_struct_conn_angle.ptnr1_auth_seq_id'   
8  5 'Structure model' '_pdbx_struct_conn_angle.ptnr1_label_asym_id' 
9  5 'Structure model' '_pdbx_struct_conn_angle.ptnr1_label_atom_id' 
10 5 'Structure model' '_pdbx_struct_conn_angle.ptnr1_label_comp_id' 
11 5 'Structure model' '_pdbx_struct_conn_angle.ptnr1_label_seq_id'  
12 5 'Structure model' '_pdbx_struct_conn_angle.ptnr3_auth_comp_id'  
13 5 'Structure model' '_pdbx_struct_conn_angle.ptnr3_auth_seq_id'   
14 5 'Structure model' '_pdbx_struct_conn_angle.ptnr3_label_asym_id' 
15 5 'Structure model' '_pdbx_struct_conn_angle.ptnr3_label_atom_id' 
16 5 'Structure model' '_pdbx_struct_conn_angle.ptnr3_label_comp_id' 
17 5 'Structure model' '_pdbx_struct_conn_angle.ptnr3_label_seq_id'  
18 5 'Structure model' '_pdbx_struct_conn_angle.value'               
19 5 'Structure model' '_struct_conn.pdbx_dist_value'                
20 5 'Structure model' '_struct_conn.ptnr1_auth_comp_id'             
21 5 'Structure model' '_struct_conn.ptnr1_auth_seq_id'              
22 5 'Structure model' '_struct_conn.ptnr1_label_asym_id'            
23 5 'Structure model' '_struct_conn.ptnr1_label_atom_id'            
24 5 'Structure model' '_struct_conn.ptnr1_label_comp_id'            
25 5 'Structure model' '_struct_conn.ptnr1_label_seq_id'             
26 5 'Structure model' '_struct_conn.ptnr2_auth_comp_id'             
27 5 'Structure model' '_struct_conn.ptnr2_auth_seq_id'              
28 5 'Structure model' '_struct_conn.ptnr2_label_asym_id'            
29 5 'Structure model' '_struct_conn.ptnr2_label_atom_id'            
30 5 'Structure model' '_struct_conn.ptnr2_label_comp_id'            
31 5 'Structure model' '_struct_conn.ptnr2_label_seq_id'             
32 5 'Structure model' '_struct_site.pdbx_auth_asym_id'              
33 5 'Structure model' '_struct_site.pdbx_auth_comp_id'              
34 5 'Structure model' '_struct_site.pdbx_auth_seq_id'               
# 
_pdbx_database_status.status_code                     REL 
_pdbx_database_status.entry_id                        4E7Y 
_pdbx_database_status.recvd_initial_deposition_date   2012-03-19 
_pdbx_database_status.deposit_site                    RCSB 
_pdbx_database_status.process_site                    RCSB 
_pdbx_database_status.status_code_sf                  REL 
_pdbx_database_status.status_code_mr                  ? 
_pdbx_database_status.SG_entry                        ? 
_pdbx_database_status.status_code_cs                  ? 
_pdbx_database_status.methods_development_category    ? 
_pdbx_database_status.pdb_format_compatible           Y 
_pdbx_database_status.status_code_nmr_data            ? 
# 
loop_
_pdbx_database_related.db_name 
_pdbx_database_related.db_id 
_pdbx_database_related.details 
_pdbx_database_related.content_type 
PDB 4DX4 . unspecified 
PDB 4E87 . unspecified 
PDB 4E8S . unspecified 
PDB 4E8X . unspecified 
PDB 4E95 . unspecified 
# 
loop_
_audit_author.name 
_audit_author.pdbx_ordinal 
'Hall, J.P.'   1 
'Cardin, C.J.' 2 
# 
_citation.id                        primary 
_citation.title                     
;Crystal Structure of lambda-[Ru(phen)2(dppz)]2+ with oligonucleotides containing TA/TA and AT/AT steps show two intercalation modes.
;
_citation.journal_abbrev            'Nat Chem' 
_citation.journal_volume            4 
_citation.page_first                621 
_citation.page_last                 628 
_citation.year                      2012 
_citation.journal_id_ASTM           ? 
_citation.country                   UK 
_citation.journal_id_ISSN           1755-4349 
_citation.journal_id_CSD            ? 
_citation.book_publisher            ? 
_citation.pdbx_database_id_PubMed   22824893 
_citation.pdbx_database_id_DOI      10.1038/nchem.1397 
# 
loop_
_citation_author.citation_id 
_citation_author.name 
_citation_author.ordinal 
_citation_author.identifier_ORCID 
primary 'Niyazi, H.'     1 ? 
primary 'Hall, J.P.'     2 ? 
primary 
;O'Sullivan, K.
;
3 ? 
primary 'Winter, G.'     4 ? 
primary 'Sorensen, T.'   5 ? 
primary 'Kelly, J.M.'    6 ? 
primary 'Cardin, C.J.'   7 ? 
# 
loop_
_entity.id 
_entity.type 
_entity.src_method 
_entity.pdbx_description 
_entity.formula_weight 
_entity.pdbx_number_of_molecules 
_entity.pdbx_ec 
_entity.pdbx_mutation 
_entity.pdbx_fragment 
_entity.details 
1 polymer     syn "5'-D(*CP*CP*GP*GP*AP*TP*CP*CP*GP*G)-3'" 3045.992 1  ? ? ? ? 
2 non-polymer syn 'Lambda-Ru(phen)2(dppz) complex'         743.779  1  ? ? ? ? 
3 non-polymer syn 'BARIUM ION'                             137.327  1  ? ? ? ? 
4 water       nat water                                    18.015   53 ? ? ? ? 
# 
_entity_poly.entity_id                      1 
_entity_poly.type                           polydeoxyribonucleotide 
_entity_poly.nstd_linkage                   no 
_entity_poly.nstd_monomer                   no 
_entity_poly.pdbx_seq_one_letter_code       '(DC)(DC)(DG)(DG)(DA)(DT)(DC)(DC)(DG)(DG)' 
_entity_poly.pdbx_seq_one_letter_code_can   CCGGATCCGG 
_entity_poly.pdbx_strand_id                 A 
_entity_poly.pdbx_target_identifier         ? 
# 
loop_
_pdbx_entity_nonpoly.entity_id 
_pdbx_entity_nonpoly.name 
_pdbx_entity_nonpoly.comp_id 
2 'Lambda-Ru(phen)2(dppz) complex' RKP 
3 'BARIUM ION'                     BA  
4 water                            HOH 
# 
loop_
_entity_poly_seq.entity_id 
_entity_poly_seq.num 
_entity_poly_seq.mon_id 
_entity_poly_seq.hetero 
1 1  DC n 
1 2  DC n 
1 3  DG n 
1 4  DG n 
1 5  DA n 
1 6  DT n 
1 7  DC n 
1 8  DC n 
1 9  DG n 
1 10 DG n 
# 
_pdbx_entity_src_syn.entity_id              1 
_pdbx_entity_src_syn.pdbx_src_id            1 
_pdbx_entity_src_syn.pdbx_alt_source_flag   sample 
_pdbx_entity_src_syn.pdbx_beg_seq_num       ? 
_pdbx_entity_src_syn.pdbx_end_seq_num       ? 
_pdbx_entity_src_syn.organism_scientific    ? 
_pdbx_entity_src_syn.organism_common_name   ? 
_pdbx_entity_src_syn.ncbi_taxonomy_id       ? 
_pdbx_entity_src_syn.details                'DNA Purchased from ATDBio' 
# 
loop_
_chem_comp.id 
_chem_comp.type 
_chem_comp.mon_nstd_flag 
_chem_comp.name 
_chem_comp.pdbx_synonyms 
_chem_comp.formula 
_chem_comp.formula_weight 
BA  non-polymer   . 'BARIUM ION'                         ? 'Ba 2'            137.327 
DA  'DNA linking' y "2'-DEOXYADENOSINE-5'-MONOPHOSPHATE" ? 'C10 H14 N5 O6 P' 331.222 
DC  'DNA linking' y "2'-DEOXYCYTIDINE-5'-MONOPHOSPHATE"  ? 'C9 H14 N3 O7 P'  307.197 
DG  'DNA linking' y "2'-DEOXYGUANOSINE-5'-MONOPHOSPHATE" ? 'C10 H14 N5 O7 P' 347.221 
DT  'DNA linking' y "THYMIDINE-5'-MONOPHOSPHATE"         ? 'C10 H15 N2 O8 P' 322.208 
HOH non-polymer   . WATER                                ? 'H2 O'            18.015  
RKP non-polymer   . 'Lambda-Ru(phen)2(dppz) complex'     ? 'C42 H26 N8 Ru'   743.779 
# 
loop_
_pdbx_poly_seq_scheme.asym_id 
_pdbx_poly_seq_scheme.entity_id 
_pdbx_poly_seq_scheme.seq_id 
_pdbx_poly_seq_scheme.mon_id 
_pdbx_poly_seq_scheme.ndb_seq_num 
_pdbx_poly_seq_scheme.pdb_seq_num 
_pdbx_poly_seq_scheme.auth_seq_num 
_pdbx_poly_seq_scheme.pdb_mon_id 
_pdbx_poly_seq_scheme.auth_mon_id 
_pdbx_poly_seq_scheme.pdb_strand_id 
_pdbx_poly_seq_scheme.pdb_ins_code 
_pdbx_poly_seq_scheme.hetero 
A 1 1  DC 1  1  1  DC DC A . n 
A 1 2  DC 2  2  2  DC DC A . n 
A 1 3  DG 3  3  3  DG DG A . n 
A 1 4  DG 4  4  4  DG DG A . n 
A 1 5  DA 5  5  5  DA DA A . n 
A 1 6  DT 6  6  6  DT DT A . n 
A 1 7  DC 7  7  7  DC DC A . n 
A 1 8  DC 8  8  8  DC DC A . n 
A 1 9  DG 9  9  9  DG DG A . n 
A 1 10 DG 10 10 10 DG DG A . n 
# 
loop_
_pdbx_nonpoly_scheme.asym_id 
_pdbx_nonpoly_scheme.entity_id 
_pdbx_nonpoly_scheme.mon_id 
_pdbx_nonpoly_scheme.ndb_seq_num 
_pdbx_nonpoly_scheme.pdb_seq_num 
_pdbx_nonpoly_scheme.auth_seq_num 
_pdbx_nonpoly_scheme.pdb_mon_id 
_pdbx_nonpoly_scheme.auth_mon_id 
_pdbx_nonpoly_scheme.pdb_strand_id 
_pdbx_nonpoly_scheme.pdb_ins_code 
B 2 RKP 1  101 1  RKP RKP A . 
C 3 BA  1  102 1  BA  BA  A . 
D 4 HOH 1  201 1  HOH HOH A . 
D 4 HOH 2  202 2  HOH HOH A . 
D 4 HOH 3  203 3  HOH HOH A . 
D 4 HOH 4  204 4  HOH HOH A . 
D 4 HOH 5  205 5  HOH HOH A . 
D 4 HOH 6  206 6  HOH HOH A . 
D 4 HOH 7  207 7  HOH HOH A . 
D 4 HOH 8  208 8  HOH HOH A . 
D 4 HOH 9  209 9  HOH HOH A . 
D 4 HOH 10 210 10 HOH HOH A . 
D 4 HOH 11 211 11 HOH HOH A . 
D 4 HOH 12 212 12 HOH HOH A . 
D 4 HOH 13 213 13 HOH HOH A . 
D 4 HOH 14 214 14 HOH HOH A . 
D 4 HOH 15 215 15 HOH HOH A . 
D 4 HOH 16 216 17 HOH HOH A . 
D 4 HOH 17 217 18 HOH HOH A . 
D 4 HOH 18 218 19 HOH HOH A . 
D 4 HOH 19 219 20 HOH HOH A . 
D 4 HOH 20 220 21 HOH HOH A . 
D 4 HOH 21 221 22 HOH HOH A . 
D 4 HOH 22 222 23 HOH HOH A . 
D 4 HOH 23 223 24 HOH HOH A . 
D 4 HOH 24 224 25 HOH HOH A . 
D 4 HOH 25 225 26 HOH HOH A . 
D 4 HOH 26 226 27 HOH HOH A . 
D 4 HOH 27 227 28 HOH HOH A . 
D 4 HOH 28 228 29 HOH HOH A . 
D 4 HOH 29 229 30 HOH HOH A . 
D 4 HOH 30 230 31 HOH HOH A . 
D 4 HOH 31 231 32 HOH HOH A . 
D 4 HOH 32 232 33 HOH HOH A . 
D 4 HOH 33 233 34 HOH HOH A . 
D 4 HOH 34 234 35 HOH HOH A . 
D 4 HOH 35 235 36 HOH HOH A . 
D 4 HOH 36 236 37 HOH HOH A . 
D 4 HOH 37 237 38 HOH HOH A . 
D 4 HOH 38 238 39 HOH HOH A . 
D 4 HOH 39 239 40 HOH HOH A . 
D 4 HOH 40 240 41 HOH HOH A . 
D 4 HOH 41 241 42 HOH HOH A . 
D 4 HOH 42 242 43 HOH HOH A . 
D 4 HOH 43 243 44 HOH HOH A . 
D 4 HOH 44 244 45 HOH HOH A . 
D 4 HOH 45 245 46 HOH HOH A . 
D 4 HOH 46 246 47 HOH HOH A . 
D 4 HOH 47 247 48 HOH HOH A . 
D 4 HOH 48 248 49 HOH HOH A . 
D 4 HOH 49 249 50 HOH HOH A . 
D 4 HOH 50 250 51 HOH HOH A . 
D 4 HOH 51 251 52 HOH HOH A . 
D 4 HOH 52 252 53 HOH HOH A . 
D 4 HOH 53 253 54 HOH HOH A . 
# 
loop_
_software.name 
_software.classification 
_software.version 
_software.citation_id 
_software.pdbx_ordinal 
GDA     'data collection' .        ? 1 
SHELXCD phasing           .        ? 2 
SHELXE  'model building'  .        ? 3 
REFMAC  refinement        5.6.0117 ? 4 
XDS     'data reduction'  .        ? 5 
SCALA   'data scaling'    .        ? 6 
# 
_cell.entry_id           4E7Y 
_cell.length_a           47.720 
_cell.length_b           47.720 
_cell.length_c           34.660 
_cell.angle_alpha        90.00 
_cell.angle_beta         90.00 
_cell.angle_gamma        90.00 
_cell.Z_PDB              8 
_cell.pdbx_unique_axis   ? 
_cell.length_a_esd       ? 
_cell.length_b_esd       ? 
_cell.length_c_esd       ? 
_cell.angle_alpha_esd    ? 
_cell.angle_beta_esd     ? 
_cell.angle_gamma_esd    ? 
# 
_symmetry.entry_id                         4E7Y 
_symmetry.space_group_name_H-M             'P 43 21 2' 
_symmetry.pdbx_full_space_group_name_H-M   ? 
_symmetry.cell_setting                     ? 
_symmetry.Int_Tables_number                96 
_symmetry.space_group_name_Hall            ? 
# 
_exptl.entry_id          4E7Y 
_exptl.method            'X-RAY DIFFRACTION' 
_exptl.crystals_number   1 
# 
_exptl_crystal.id                    1 
_exptl_crystal.density_meas          ? 
_exptl_crystal.density_Matthews      3.24 
_exptl_crystal.density_percent_sol   62.02 
_exptl_crystal.description           ? 
_exptl_crystal.F_000                 ? 
_exptl_crystal.preparation           ? 
# 
_exptl_crystal_grow.crystal_id      1 
_exptl_crystal_grow.method          'VAPOR DIFFUSION, SITTING DROP' 
_exptl_crystal_grow.temp            277 
_exptl_crystal_grow.temp_details    ? 
_exptl_crystal_grow.pH              7.0 
_exptl_crystal_grow.pdbx_details    
;1ul 2mM DNA Oligomer, 1ul 3mM Lambda-[Ru(phen)2(dppz)]2+, 1ul 1mM Lambda-[Ru(tap)2(dppz-(Me)2]2+, 6ul 10% 1-methyl-2,4-pentanediol, 40mM Sodium cacodylate, 12mM Spermeine tetra-HCl, 80mM Potassium Chloride, 20mM Barium Chloride, equilibrated against 1ml 35% 2-methyl-2,4-pentanediol, pH 7.0, VAPOR DIFFUSION, SITTING DROP, temperature 277K
;
_exptl_crystal_grow.pdbx_pH_range   ? 
# 
_diffrn.id                     1 
_diffrn.ambient_temp           100 
_diffrn.ambient_temp_details   ? 
_diffrn.crystal_id             1 
# 
_diffrn_detector.diffrn_id              1 
_diffrn_detector.detector               CCD 
_diffrn_detector.type                   'ADSC QUANTUM 315r' 
_diffrn_detector.pdbx_collection_date   2012-03-13 
_diffrn_detector.details                ? 
# 
_diffrn_radiation.diffrn_id                        1 
_diffrn_radiation.wavelength_id                    1 
_diffrn_radiation.pdbx_monochromatic_or_laue_m_l   M 
_diffrn_radiation.monochromator                    'Si(111) dual crystal' 
_diffrn_radiation.pdbx_diffrn_protocol             MAD 
_diffrn_radiation.pdbx_scattering_type             x-ray 
# 
_diffrn_radiation_wavelength.id           1 
_diffrn_radiation_wavelength.wavelength   0.9795 
_diffrn_radiation_wavelength.wt           1.0 
# 
_diffrn_source.diffrn_id                   1 
_diffrn_source.source                      SYNCHROTRON 
_diffrn_source.type                        'DIAMOND BEAMLINE I02' 
_diffrn_source.pdbx_synchrotron_site       Diamond 
_diffrn_source.pdbx_synchrotron_beamline   I02 
_diffrn_source.pdbx_wavelength             ? 
_diffrn_source.pdbx_wavelength_list        0.9795 
# 
_reflns.entry_id                     4E7Y 
_reflns.observed_criterion_sigma_I   ? 
_reflns.observed_criterion_sigma_F   ? 
_reflns.d_resolution_low             34.66 
_reflns.d_resolution_high            1.70 
_reflns.number_obs                   4747 
_reflns.number_all                   4747 
_reflns.percent_possible_obs         100 
_reflns.pdbx_Rmerge_I_obs            ? 
_reflns.pdbx_Rsym_value              ? 
_reflns.pdbx_netI_over_sigmaI        ? 
_reflns.B_iso_Wilson_estimate        ? 
_reflns.pdbx_redundancy              ? 
_reflns.R_free_details               ? 
_reflns.limit_h_max                  ? 
_reflns.limit_h_min                  ? 
_reflns.limit_k_max                  ? 
_reflns.limit_k_min                  ? 
_reflns.limit_l_max                  ? 
_reflns.limit_l_min                  ? 
_reflns.observed_criterion_F_max     ? 
_reflns.observed_criterion_F_min     ? 
_reflns.pdbx_chi_squared             ? 
_reflns.pdbx_scaling_rejects         ? 
_reflns.pdbx_ordinal                 1 
_reflns.pdbx_diffrn_id               1 
# 
_reflns_shell.d_res_high             1.70 
_reflns_shell.d_res_low              1.75 
_reflns_shell.percent_possible_all   100 
_reflns_shell.Rmerge_I_obs           ? 
_reflns_shell.pdbx_Rsym_value        ? 
_reflns_shell.meanI_over_sigI_obs    ? 
_reflns_shell.pdbx_redundancy        ? 
_reflns_shell.percent_possible_obs   ? 
_reflns_shell.number_unique_all      ? 
_reflns_shell.number_measured_all    ? 
_reflns_shell.number_measured_obs    ? 
_reflns_shell.number_unique_obs      ? 
_reflns_shell.pdbx_chi_squared       ? 
_reflns_shell.pdbx_ordinal           1 
_reflns_shell.pdbx_diffrn_id         1 
# 
_refine.entry_id                                 4E7Y 
_refine.ls_number_reflns_obs                     4506 
_refine.ls_number_reflns_all                     4596 
_refine.pdbx_ls_sigma_I                          ? 
_refine.pdbx_ls_sigma_F                          ? 
_refine.pdbx_data_cutoff_high_absF               ? 
_refine.pdbx_data_cutoff_low_absF                ? 
_refine.pdbx_data_cutoff_high_rms_absF           ? 
_refine.ls_d_res_low                             33.74 
_refine.ls_d_res_high                            1.70 
_refine.ls_percent_reflns_obs                    99.98 
_refine.ls_R_factor_obs                          0.15683 
_refine.ls_R_factor_all                          0.1553 
_refine.ls_R_factor_R_work                       0.1553 
_refine.ls_R_factor_R_free                       0.18837 
_refine.ls_R_factor_R_free_error                 ? 
_refine.ls_R_factor_R_free_error_details         ? 
_refine.ls_percent_reflns_R_free                 4.6 
_refine.ls_number_reflns_R_free                  216 
_refine.ls_number_parameters                     ? 
_refine.ls_number_restraints                     ? 
_refine.occupancy_min                            ? 
_refine.occupancy_max                            ? 
_refine.correlation_coeff_Fo_to_Fc               0.970 
_refine.correlation_coeff_Fo_to_Fc_free          0.967 
_refine.B_iso_mean                               26.951 
_refine.aniso_B[1][1]                            -0.85 
_refine.aniso_B[2][2]                            -0.85 
_refine.aniso_B[3][3]                            1.71 
_refine.aniso_B[1][2]                            -0.00 
_refine.aniso_B[1][3]                            -0.00 
_refine.aniso_B[2][3]                            -0.00 
_refine.solvent_model_details                    MASK 
_refine.solvent_model_param_ksol                 ? 
_refine.solvent_model_param_bsol                 ? 
_refine.pdbx_solvent_vdw_probe_radii             1.20 
_refine.pdbx_solvent_ion_probe_radii             0.80 
_refine.pdbx_solvent_shrinkage_radii             0.80 
_refine.pdbx_ls_cross_valid_method               THROUGHOUT 
_refine.details                                  'HYDROGENS HAVE BEEN USED IF PRESENT IN THE INPUT' 
_refine.pdbx_starting_model                      ? 
_refine.pdbx_method_to_determine_struct          SAD 
_refine.pdbx_isotropic_thermal_model             ? 
_refine.pdbx_stereochemistry_target_values       'MAXIMUM LIKELIHOOD' 
_refine.pdbx_stereochem_target_val_spec_case     ? 
_refine.pdbx_R_Free_selection_details            RANDOM 
_refine.pdbx_overall_ESU_R                       0.082 
_refine.pdbx_overall_ESU_R_Free                  0.085 
_refine.overall_SU_ML                            0.056 
_refine.pdbx_overall_phase_error                 ? 
_refine.overall_SU_B                             1.737 
_refine.overall_SU_R_Cruickshank_DPI             ? 
_refine.ls_redundancy_reflns_obs                 ? 
_refine.B_iso_min                                ? 
_refine.B_iso_max                                ? 
_refine.overall_SU_R_free                        ? 
_refine.ls_wR_factor_R_free                      ? 
_refine.ls_wR_factor_R_work                      ? 
_refine.overall_FOM_free_R_set                   ? 
_refine.overall_FOM_work_R_set                   ? 
_refine.pdbx_diffrn_id                           1 
_refine.pdbx_refine_id                           'X-RAY DIFFRACTION' 
_refine.pdbx_TLS_residual_ADP_flag               ? 
_refine.pdbx_overall_SU_R_free_Cruickshank_DPI   ? 
_refine.pdbx_overall_SU_R_Blow_DPI               ? 
_refine.pdbx_overall_SU_R_free_Blow_DPI          ? 
# 
_refine_hist.pdbx_refine_id                   'X-RAY DIFFRACTION' 
_refine_hist.cycle_id                         LAST 
_refine_hist.pdbx_number_atoms_protein        0 
_refine_hist.pdbx_number_atoms_nucleic_acid   202 
_refine_hist.pdbx_number_atoms_ligand         52 
_refine_hist.number_atoms_solvent             53 
_refine_hist.number_atoms_total               307 
_refine_hist.d_res_high                       1.70 
_refine_hist.d_res_low                        33.74 
# 
loop_
_refine_ls_restr.type 
_refine_ls_restr.dev_ideal 
_refine_ls_restr.dev_ideal_target 
_refine_ls_restr.weight 
_refine_ls_restr.number 
_refine_ls_restr.pdbx_restraint_function 
_refine_ls_restr.pdbx_refine_id 
r_bond_refined_d             0.024 0.013 ? 290 ? 'X-RAY DIFFRACTION' 
r_bond_other_d               ?     ?     ? ?   ? 'X-RAY DIFFRACTION' 
r_angle_refined_deg          2.520 1.740 ? 456 ? 'X-RAY DIFFRACTION' 
r_angle_other_deg            ?     ?     ? ?   ? 'X-RAY DIFFRACTION' 
r_dihedral_angle_1_deg       ?     ?     ? ?   ? 'X-RAY DIFFRACTION' 
r_dihedral_angle_2_deg       ?     ?     ? ?   ? 'X-RAY DIFFRACTION' 
r_dihedral_angle_3_deg       ?     ?     ? ?   ? 'X-RAY DIFFRACTION' 
r_dihedral_angle_4_deg       ?     ?     ? ?   ? 'X-RAY DIFFRACTION' 
r_chiral_restr               0.133 0.200 ? 32  ? 'X-RAY DIFFRACTION' 
r_gen_planes_refined         0.038 0.020 ? 157 ? 'X-RAY DIFFRACTION' 
r_gen_planes_other           ?     ?     ? ?   ? 'X-RAY DIFFRACTION' 
r_nbd_refined                ?     ?     ? ?   ? 'X-RAY DIFFRACTION' 
r_nbd_other                  ?     ?     ? ?   ? 'X-RAY DIFFRACTION' 
r_nbtor_refined              ?     ?     ? ?   ? 'X-RAY DIFFRACTION' 
r_nbtor_other                ?     ?     ? ?   ? 'X-RAY DIFFRACTION' 
r_xyhbond_nbd_refined        ?     ?     ? ?   ? 'X-RAY DIFFRACTION' 
r_xyhbond_nbd_other          ?     ?     ? ?   ? 'X-RAY DIFFRACTION' 
r_metal_ion_refined          ?     ?     ? ?   ? 'X-RAY DIFFRACTION' 
r_metal_ion_other            ?     ?     ? ?   ? 'X-RAY DIFFRACTION' 
r_symmetry_vdw_refined       ?     ?     ? ?   ? 'X-RAY DIFFRACTION' 
r_symmetry_vdw_other         ?     ?     ? ?   ? 'X-RAY DIFFRACTION' 
r_symmetry_hbond_refined     ?     ?     ? ?   ? 'X-RAY DIFFRACTION' 
r_symmetry_hbond_other       ?     ?     ? ?   ? 'X-RAY DIFFRACTION' 
r_symmetry_metal_ion_refined ?     ?     ? ?   ? 'X-RAY DIFFRACTION' 
r_symmetry_metal_ion_other   ?     ?     ? ?   ? 'X-RAY DIFFRACTION' 
r_mcbond_it                  ?     ?     ? ?   ? 'X-RAY DIFFRACTION' 
r_mcbond_other               ?     ?     ? ?   ? 'X-RAY DIFFRACTION' 
r_mcangle_it                 ?     ?     ? ?   ? 'X-RAY DIFFRACTION' 
r_scbond_it                  ?     ?     ? ?   ? 'X-RAY DIFFRACTION' 
r_scangle_it                 ?     ?     ? ?   ? 'X-RAY DIFFRACTION' 
r_rigid_bond_restr           ?     ?     ? ?   ? 'X-RAY DIFFRACTION' 
r_sphericity_free            ?     ?     ? ?   ? 'X-RAY DIFFRACTION' 
r_sphericity_bonded          ?     ?     ? ?   ? 'X-RAY DIFFRACTION' 
# 
_refine_ls_shell.pdbx_total_number_of_bins_used   20 
_refine_ls_shell.d_res_high                       1.702 
_refine_ls_shell.d_res_low                        1.746 
_refine_ls_shell.number_reflns_R_work             270 
_refine_ls_shell.R_factor_R_work                  0.199 
_refine_ls_shell.percent_reflns_obs               99.65 
_refine_ls_shell.R_factor_R_free                  0.205 
_refine_ls_shell.R_factor_R_free_error            ? 
_refine_ls_shell.percent_reflns_R_free            ? 
_refine_ls_shell.number_reflns_R_free             12 
_refine_ls_shell.number_reflns_all                ? 
_refine_ls_shell.R_factor_all                     ? 
_refine_ls_shell.number_reflns_obs                ? 
_refine_ls_shell.redundancy_reflns_obs            ? 
_refine_ls_shell.pdbx_refine_id                   'X-RAY DIFFRACTION' 
# 
_struct.entry_id                  4E7Y 
_struct.title                     'Lambda-[Ru(phen)2(dppz)]2+ Bound to CCGGATCCGG' 
_struct.pdbx_model_details        ? 
_struct.pdbx_CASP_flag            ? 
_struct.pdbx_model_type_details   ? 
# 
_struct_keywords.entry_id        4E7Y 
_struct_keywords.pdbx_keywords   DNA 
_struct_keywords.text            'Intercalation, DNA, Lambda-[Ru(phen)2(dppz)]2+' 
# 
loop_
_struct_asym.id 
_struct_asym.pdbx_blank_PDB_chainid_flag 
_struct_asym.pdbx_modified 
_struct_asym.entity_id 
_struct_asym.details 
A N N 1 ? 
B N N 2 ? 
C N N 3 ? 
D N N 4 ? 
# 
_struct_ref.id                         1 
_struct_ref.db_name                    PDB 
_struct_ref.db_code                    4E7Y 
_struct_ref.pdbx_db_accession          4E7Y 
_struct_ref.entity_id                  1 
_struct_ref.pdbx_align_begin           ? 
_struct_ref.pdbx_seq_one_letter_code   CCGGATCCGG 
_struct_ref.pdbx_db_isoform            ? 
# 
_struct_ref_seq.align_id                      1 
_struct_ref_seq.ref_id                        1 
_struct_ref_seq.pdbx_PDB_id_code              4E7Y 
_struct_ref_seq.pdbx_strand_id                A 
_struct_ref_seq.seq_align_beg                 1 
_struct_ref_seq.pdbx_seq_align_beg_ins_code   ? 
_struct_ref_seq.seq_align_end                 10 
_struct_ref_seq.pdbx_seq_align_end_ins_code   ? 
_struct_ref_seq.pdbx_db_accession             4E7Y 
_struct_ref_seq.db_align_beg                  1 
_struct_ref_seq.pdbx_db_align_beg_ins_code    ? 
_struct_ref_seq.db_align_end                  10 
_struct_ref_seq.pdbx_db_align_end_ins_code    ? 
_struct_ref_seq.pdbx_auth_seq_align_beg       1 
_struct_ref_seq.pdbx_auth_seq_align_end       10 
# 
_pdbx_struct_assembly.id                   1 
_pdbx_struct_assembly.details              author_and_software_defined_assembly 
_pdbx_struct_assembly.method_details       PISA 
_pdbx_struct_assembly.oligomeric_details   dimeric 
_pdbx_struct_assembly.oligomeric_count     2 
# 
loop_
_pdbx_struct_assembly_prop.biol_id 
_pdbx_struct_assembly_prop.type 
_pdbx_struct_assembly_prop.value 
_pdbx_struct_assembly_prop.details 
1 'ABSA (A^2)' 900  ? 
1 MORE         -5   ? 
1 'SSA (A^2)'  4400 ? 
# 
_pdbx_struct_assembly_gen.assembly_id       1 
_pdbx_struct_assembly_gen.oper_expression   1,2 
_pdbx_struct_assembly_gen.asym_id_list      A,B,C,D 
# 
loop_
_pdbx_struct_oper_list.id 
_pdbx_struct_oper_list.type 
_pdbx_struct_oper_list.name 
_pdbx_struct_oper_list.symmetry_operation 
_pdbx_struct_oper_list.matrix[1][1] 
_pdbx_struct_oper_list.matrix[1][2] 
_pdbx_struct_oper_list.matrix[1][3] 
_pdbx_struct_oper_list.vector[1] 
_pdbx_struct_oper_list.matrix[2][1] 
_pdbx_struct_oper_list.matrix[2][2] 
_pdbx_struct_oper_list.matrix[2][3] 
_pdbx_struct_oper_list.vector[2] 
_pdbx_struct_oper_list.matrix[3][1] 
_pdbx_struct_oper_list.matrix[3][2] 
_pdbx_struct_oper_list.matrix[3][3] 
_pdbx_struct_oper_list.vector[3] 
1 'identity operation'         1_555 x,y,z        1.0000000000  0.0000000000  0.0000000000  0.0000000000  0.0000000000  1.0000000000 0.0000000000 0.0000000000  0.0000000000  0.0000000000 1.0000000000  0.0000000000 
2 'crystal symmetry operation' 8_555 -y,-x,-z+1/2 -0.7894604653 -0.5425945061 -0.2869553550 -7.7787440197 -0.5425945061 0.3983539880 0.7395304607 -5.2966902466 -0.2869553550 0.7395304607 -0.6088935227 4.3080634667 
# 
_struct_biol.id        1 
_struct_biol.details   ? 
# 
loop_
_struct_conn.id 
_struct_conn.conn_type_id 
_struct_conn.pdbx_leaving_atom_flag 
_struct_conn.pdbx_PDB_id 
_struct_conn.ptnr1_label_asym_id 
_struct_conn.ptnr1_label_comp_id 
_struct_conn.ptnr1_label_seq_id 
_struct_conn.ptnr1_label_atom_id 
_struct_conn.pdbx_ptnr1_label_alt_id 
_struct_conn.pdbx_ptnr1_PDB_ins_code 
_struct_conn.pdbx_ptnr1_standard_comp_id 
_struct_conn.ptnr1_symmetry 
_struct_conn.ptnr2_label_asym_id 
_struct_conn.ptnr2_label_comp_id 
_struct_conn.ptnr2_label_seq_id 
_struct_conn.ptnr2_label_atom_id 
_struct_conn.pdbx_ptnr2_label_alt_id 
_struct_conn.pdbx_ptnr2_PDB_ins_code 
_struct_conn.ptnr1_auth_asym_id 
_struct_conn.ptnr1_auth_comp_id 
_struct_conn.ptnr1_auth_seq_id 
_struct_conn.ptnr2_auth_asym_id 
_struct_conn.ptnr2_auth_comp_id 
_struct_conn.ptnr2_auth_seq_id 
_struct_conn.ptnr2_symmetry 
_struct_conn.pdbx_ptnr3_label_atom_id 
_struct_conn.pdbx_ptnr3_label_seq_id 
_struct_conn.pdbx_ptnr3_label_comp_id 
_struct_conn.pdbx_ptnr3_label_asym_id 
_struct_conn.pdbx_ptnr3_label_alt_id 
_struct_conn.pdbx_ptnr3_PDB_ins_code 
_struct_conn.details 
_struct_conn.pdbx_dist_value 
_struct_conn.pdbx_value_order 
_struct_conn.pdbx_role 
metalc1  metalc ? ? A DG 3  N7 ? ? ? 1_555 C BA  .  BA ? ? A DG 3   A BA  102 1_555 ? ? ? ? ? ? ?            3.007 ? ? 
metalc2  metalc ? ? A DG 4  O6 ? ? ? 1_555 C BA  .  BA ? ? A DG 4   A BA  102 1_555 ? ? ? ? ? ? ?            2.921 ? ? 
metalc3  metalc ? ? C BA .  BA ? ? ? 1_555 D HOH .  O  ? ? A BA 102 A HOH 201 1_555 ? ? ? ? ? ? ?            2.719 ? ? 
metalc4  metalc ? ? C BA .  BA ? ? ? 1_555 D HOH .  O  ? ? A BA 102 A HOH 202 1_555 ? ? ? ? ? ? ?            2.939 ? ? 
metalc5  metalc ? ? C BA .  BA ? ? ? 1_555 D HOH .  O  ? ? A BA 102 A HOH 203 1_555 ? ? ? ? ? ? ?            3.081 ? ? 
metalc6  metalc ? ? C BA .  BA ? ? ? 1_555 D HOH .  O  ? ? A BA 102 A HOH 204 1_555 ? ? ? ? ? ? ?            2.850 ? ? 
metalc7  metalc ? ? C BA .  BA ? ? ? 1_555 D HOH .  O  ? ? A BA 102 A HOH 208 1_555 ? ? ? ? ? ? ?            2.861 ? ? 
metalc8  metalc ? ? C BA .  BA ? ? ? 1_555 D HOH .  O  ? ? A BA 102 A HOH 213 1_555 ? ? ? ? ? ? ?            2.838 ? ? 
hydrog1  hydrog ? ? A DC 1  N4 ? ? ? 1_555 A DG  10 O6 ? ? A DC 1   A DG  10  8_555 ? ? ? ? ? ? 'DC-DG PAIR' ?     ? ? 
hydrog2  hydrog ? ? A DC 2  N3 ? ? ? 1_555 A DG  9  N1 ? ? A DC 2   A DG  9   8_555 ? ? ? ? ? ? WATSON-CRICK ?     ? ? 
hydrog3  hydrog ? ? A DC 2  N4 ? ? ? 1_555 A DG  9  O6 ? ? A DC 2   A DG  9   8_555 ? ? ? ? ? ? WATSON-CRICK ?     ? ? 
hydrog4  hydrog ? ? A DC 2  O2 ? ? ? 1_555 A DG  9  N2 ? ? A DC 2   A DG  9   8_555 ? ? ? ? ? ? WATSON-CRICK ?     ? ? 
hydrog5  hydrog ? ? A DG 3  N1 ? ? ? 1_555 A DC  8  N3 ? ? A DG 3   A DC  8   8_555 ? ? ? ? ? ? WATSON-CRICK ?     ? ? 
hydrog6  hydrog ? ? A DG 3  N2 ? ? ? 1_555 A DC  8  O2 ? ? A DG 3   A DC  8   8_555 ? ? ? ? ? ? WATSON-CRICK ?     ? ? 
hydrog7  hydrog ? ? A DG 3  O6 ? ? ? 1_555 A DC  8  N4 ? ? A DG 3   A DC  8   8_555 ? ? ? ? ? ? WATSON-CRICK ?     ? ? 
hydrog8  hydrog ? ? A DG 4  N1 ? ? ? 1_555 A DC  7  N3 ? ? A DG 4   A DC  7   8_555 ? ? ? ? ? ? WATSON-CRICK ?     ? ? 
hydrog9  hydrog ? ? A DG 4  N2 ? ? ? 1_555 A DC  7  O2 ? ? A DG 4   A DC  7   8_555 ? ? ? ? ? ? WATSON-CRICK ?     ? ? 
hydrog10 hydrog ? ? A DG 4  O6 ? ? ? 1_555 A DC  7  N4 ? ? A DG 4   A DC  7   8_555 ? ? ? ? ? ? WATSON-CRICK ?     ? ? 
hydrog11 hydrog ? ? A DA 5  N1 ? ? ? 1_555 A DT  6  N3 ? ? A DA 5   A DT  6   8_555 ? ? ? ? ? ? WATSON-CRICK ?     ? ? 
hydrog12 hydrog ? ? A DA 5  N6 ? ? ? 1_555 A DT  6  O4 ? ? A DA 5   A DT  6   8_555 ? ? ? ? ? ? WATSON-CRICK ?     ? ? 
hydrog13 hydrog ? ? A DT 6  N3 ? ? ? 1_555 A DA  5  N1 ? ? A DT 6   A DA  5   8_555 ? ? ? ? ? ? WATSON-CRICK ?     ? ? 
hydrog14 hydrog ? ? A DT 6  O4 ? ? ? 1_555 A DA  5  N6 ? ? A DT 6   A DA  5   8_555 ? ? ? ? ? ? WATSON-CRICK ?     ? ? 
hydrog15 hydrog ? ? A DC 7  N3 ? ? ? 1_555 A DG  4  N1 ? ? A DC 7   A DG  4   8_555 ? ? ? ? ? ? WATSON-CRICK ?     ? ? 
hydrog16 hydrog ? ? A DC 7  N4 ? ? ? 1_555 A DG  4  O6 ? ? A DC 7   A DG  4   8_555 ? ? ? ? ? ? WATSON-CRICK ?     ? ? 
hydrog17 hydrog ? ? A DC 7  O2 ? ? ? 1_555 A DG  4  N2 ? ? A DC 7   A DG  4   8_555 ? ? ? ? ? ? WATSON-CRICK ?     ? ? 
hydrog18 hydrog ? ? A DC 8  N3 ? ? ? 1_555 A DG  3  N1 ? ? A DC 8   A DG  3   8_555 ? ? ? ? ? ? WATSON-CRICK ?     ? ? 
hydrog19 hydrog ? ? A DC 8  N4 ? ? ? 1_555 A DG  3  O6 ? ? A DC 8   A DG  3   8_555 ? ? ? ? ? ? WATSON-CRICK ?     ? ? 
hydrog20 hydrog ? ? A DC 8  O2 ? ? ? 1_555 A DG  3  N2 ? ? A DC 8   A DG  3   8_555 ? ? ? ? ? ? WATSON-CRICK ?     ? ? 
hydrog21 hydrog ? ? A DG 9  N1 ? ? ? 1_555 A DC  2  N3 ? ? A DG 9   A DC  2   8_555 ? ? ? ? ? ? WATSON-CRICK ?     ? ? 
hydrog22 hydrog ? ? A DG 9  N2 ? ? ? 1_555 A DC  2  O2 ? ? A DG 9   A DC  2   8_555 ? ? ? ? ? ? WATSON-CRICK ?     ? ? 
hydrog23 hydrog ? ? A DG 9  O6 ? ? ? 1_555 A DC  2  N4 ? ? A DG 9   A DC  2   8_555 ? ? ? ? ? ? WATSON-CRICK ?     ? ? 
hydrog24 hydrog ? ? A DG 10 O6 ? ? ? 1_555 A DC  1  N4 ? ? A DG 10  A DC  1   8_555 ? ? ? ? ? ? 'DG-DC PAIR' ?     ? ? 
# 
loop_
_struct_conn_type.id 
_struct_conn_type.criteria 
_struct_conn_type.reference 
metalc ? ? 
hydrog ? ? 
# 
loop_
_pdbx_struct_conn_angle.id 
_pdbx_struct_conn_angle.ptnr1_label_atom_id 
_pdbx_struct_conn_angle.ptnr1_label_alt_id 
_pdbx_struct_conn_angle.ptnr1_label_asym_id 
_pdbx_struct_conn_angle.ptnr1_label_comp_id 
_pdbx_struct_conn_angle.ptnr1_label_seq_id 
_pdbx_struct_conn_angle.ptnr1_auth_atom_id 
_pdbx_struct_conn_angle.ptnr1_auth_asym_id 
_pdbx_struct_conn_angle.ptnr1_auth_comp_id 
_pdbx_struct_conn_angle.ptnr1_auth_seq_id 
_pdbx_struct_conn_angle.ptnr1_PDB_ins_code 
_pdbx_struct_conn_angle.ptnr1_symmetry 
_pdbx_struct_conn_angle.ptnr2_label_atom_id 
_pdbx_struct_conn_angle.ptnr2_label_alt_id 
_pdbx_struct_conn_angle.ptnr2_label_asym_id 
_pdbx_struct_conn_angle.ptnr2_label_comp_id 
_pdbx_struct_conn_angle.ptnr2_label_seq_id 
_pdbx_struct_conn_angle.ptnr2_auth_atom_id 
_pdbx_struct_conn_angle.ptnr2_auth_asym_id 
_pdbx_struct_conn_angle.ptnr2_auth_comp_id 
_pdbx_struct_conn_angle.ptnr2_auth_seq_id 
_pdbx_struct_conn_angle.ptnr2_PDB_ins_code 
_pdbx_struct_conn_angle.ptnr2_symmetry 
_pdbx_struct_conn_angle.ptnr3_label_atom_id 
_pdbx_struct_conn_angle.ptnr3_label_alt_id 
_pdbx_struct_conn_angle.ptnr3_label_asym_id 
_pdbx_struct_conn_angle.ptnr3_label_comp_id 
_pdbx_struct_conn_angle.ptnr3_label_seq_id 
_pdbx_struct_conn_angle.ptnr3_auth_atom_id 
_pdbx_struct_conn_angle.ptnr3_auth_asym_id 
_pdbx_struct_conn_angle.ptnr3_auth_comp_id 
_pdbx_struct_conn_angle.ptnr3_auth_seq_id 
_pdbx_struct_conn_angle.ptnr3_PDB_ins_code 
_pdbx_struct_conn_angle.ptnr3_symmetry 
_pdbx_struct_conn_angle.value 
_pdbx_struct_conn_angle.value_esd 
1  N7 ? A DG  3 ? A DG  3   ? 1_555 BA ? C BA . ? A BA 102 ? 1_555 O6 ? A DG  4 ? A DG  4   ? 1_555 74.8  ? 
2  N7 ? A DG  3 ? A DG  3   ? 1_555 BA ? C BA . ? A BA 102 ? 1_555 O  ? D HOH . ? A HOH 201 ? 1_555 75.4  ? 
3  O6 ? A DG  4 ? A DG  4   ? 1_555 BA ? C BA . ? A BA 102 ? 1_555 O  ? D HOH . ? A HOH 201 ? 1_555 69.6  ? 
4  N7 ? A DG  3 ? A DG  3   ? 1_555 BA ? C BA . ? A BA 102 ? 1_555 O  ? D HOH . ? A HOH 202 ? 1_555 76.8  ? 
5  O6 ? A DG  4 ? A DG  4   ? 1_555 BA ? C BA . ? A BA 102 ? 1_555 O  ? D HOH . ? A HOH 202 ? 1_555 126.2 ? 
6  O  ? D HOH . ? A HOH 201 ? 1_555 BA ? C BA . ? A BA 102 ? 1_555 O  ? D HOH . ? A HOH 202 ? 1_555 141.9 ? 
7  N7 ? A DG  3 ? A DG  3   ? 1_555 BA ? C BA . ? A BA 102 ? 1_555 O  ? D HOH . ? A HOH 203 ? 1_555 130.3 ? 
8  O6 ? A DG  4 ? A DG  4   ? 1_555 BA ? C BA . ? A BA 102 ? 1_555 O  ? D HOH . ? A HOH 203 ? 1_555 89.7  ? 
9  O  ? D HOH . ? A HOH 201 ? 1_555 BA ? C BA . ? A BA 102 ? 1_555 O  ? D HOH . ? A HOH 203 ? 1_555 142.5 ? 
10 O  ? D HOH . ? A HOH 202 ? 1_555 BA ? C BA . ? A BA 102 ? 1_555 O  ? D HOH . ? A HOH 203 ? 1_555 75.5  ? 
11 N7 ? A DG  3 ? A DG  3   ? 1_555 BA ? C BA . ? A BA 102 ? 1_555 O  ? D HOH . ? A HOH 204 ? 1_555 144.2 ? 
12 O6 ? A DG  4 ? A DG  4   ? 1_555 BA ? C BA . ? A BA 102 ? 1_555 O  ? D HOH . ? A HOH 204 ? 1_555 139.0 ? 
13 O  ? D HOH . ? A HOH 201 ? 1_555 BA ? C BA . ? A BA 102 ? 1_555 O  ? D HOH . ? A HOH 204 ? 1_555 102.5 ? 
14 O  ? D HOH . ? A HOH 202 ? 1_555 BA ? C BA . ? A BA 102 ? 1_555 O  ? D HOH . ? A HOH 204 ? 1_555 85.6  ? 
15 O  ? D HOH . ? A HOH 203 ? 1_555 BA ? C BA . ? A BA 102 ? 1_555 O  ? D HOH . ? A HOH 204 ? 1_555 72.6  ? 
16 N7 ? A DG  3 ? A DG  3   ? 1_555 BA ? C BA . ? A BA 102 ? 1_555 O  ? D HOH . ? A HOH 208 ? 1_555 138.0 ? 
17 O6 ? A DG  4 ? A DG  4   ? 1_555 BA ? C BA . ? A BA 102 ? 1_555 O  ? D HOH . ? A HOH 208 ? 1_555 69.2  ? 
18 O  ? D HOH . ? A HOH 201 ? 1_555 BA ? C BA . ? A BA 102 ? 1_555 O  ? D HOH . ? A HOH 208 ? 1_555 72.5  ? 
19 O  ? D HOH . ? A HOH 202 ? 1_555 BA ? C BA . ? A BA 102 ? 1_555 O  ? D HOH . ? A HOH 208 ? 1_555 143.1 ? 
20 O  ? D HOH . ? A HOH 203 ? 1_555 BA ? C BA . ? A BA 102 ? 1_555 O  ? D HOH . ? A HOH 208 ? 1_555 71.0  ? 
21 O  ? D HOH . ? A HOH 204 ? 1_555 BA ? C BA . ? A BA 102 ? 1_555 O  ? D HOH . ? A HOH 208 ? 1_555 70.1  ? 
22 N7 ? A DG  3 ? A DG  3   ? 1_555 BA ? C BA . ? A BA 102 ? 1_555 O  ? D HOH . ? A HOH 213 ? 1_555 74.7  ? 
23 O6 ? A DG  4 ? A DG  4   ? 1_555 BA ? C BA . ? A BA 102 ? 1_555 O  ? D HOH . ? A HOH 213 ? 1_555 140.9 ? 
24 O  ? D HOH . ? A HOH 201 ? 1_555 BA ? C BA . ? A BA 102 ? 1_555 O  ? D HOH . ? A HOH 213 ? 1_555 79.4  ? 
25 O  ? D HOH . ? A HOH 202 ? 1_555 BA ? C BA . ? A BA 102 ? 1_555 O  ? D HOH . ? A HOH 213 ? 1_555 68.6  ? 
26 O  ? D HOH . ? A HOH 203 ? 1_555 BA ? C BA . ? A BA 102 ? 1_555 O  ? D HOH . ? A HOH 213 ? 1_555 129.0 ? 
27 O  ? D HOH . ? A HOH 204 ? 1_555 BA ? C BA . ? A BA 102 ? 1_555 O  ? D HOH . ? A HOH 213 ? 1_555 69.8  ? 
28 O  ? D HOH . ? A HOH 208 ? 1_555 BA ? C BA . ? A BA 102 ? 1_555 O  ? D HOH . ? A HOH 213 ? 1_555 123.7 ? 
# 
loop_
_struct_site.id 
_struct_site.pdbx_evidence_code 
_struct_site.pdbx_auth_asym_id 
_struct_site.pdbx_auth_comp_id 
_struct_site.pdbx_auth_seq_id 
_struct_site.pdbx_auth_ins_code 
_struct_site.pdbx_num_residues 
_struct_site.details 
AC1 Software A RKP 101 ? 10 'BINDING SITE FOR RESIDUE RKP A 101' 
AC2 Software A BA  102 ? 8  'BINDING SITE FOR RESIDUE BA A 102'  
# 
loop_
_struct_site_gen.id 
_struct_site_gen.site_id 
_struct_site_gen.pdbx_num_res 
_struct_site_gen.label_comp_id 
_struct_site_gen.label_asym_id 
_struct_site_gen.label_seq_id 
_struct_site_gen.pdbx_auth_ins_code 
_struct_site_gen.auth_comp_id 
_struct_site_gen.auth_asym_id 
_struct_site_gen.auth_seq_id 
_struct_site_gen.label_atom_id 
_struct_site_gen.label_alt_id 
_struct_site_gen.symmetry 
_struct_site_gen.details 
1  AC1 10 DC  A 1  ? DC  A 1   . ? 8_555 ? 
2  AC1 10 DC  A 2  ? DC  A 2   . ? 8_555 ? 
3  AC1 10 DG  A 3  ? DG  A 3   . ? 8_555 ? 
4  AC1 10 DG  A 3  ? DG  A 3   . ? 6_555 ? 
5  AC1 10 DG  A 4  ? DG  A 4   . ? 6_555 ? 
6  AC1 10 DC  A 7  ? DC  A 7   . ? 3_554 ? 
7  AC1 10 DC  A 8  ? DC  A 8   . ? 3_554 ? 
8  AC1 10 DG  A 9  ? DG  A 9   . ? 1_555 ? 
9  AC1 10 DG  A 10 ? DG  A 10  . ? 1_555 ? 
10 AC1 10 HOH D .  ? HOH A 240 . ? 8_555 ? 
11 AC2 8  DG  A 3  ? DG  A 3   . ? 1_555 ? 
12 AC2 8  DG  A 4  ? DG  A 4   . ? 1_555 ? 
13 AC2 8  HOH D .  ? HOH A 201 . ? 1_555 ? 
14 AC2 8  HOH D .  ? HOH A 202 . ? 1_555 ? 
15 AC2 8  HOH D .  ? HOH A 203 . ? 1_555 ? 
16 AC2 8  HOH D .  ? HOH A 204 . ? 1_555 ? 
17 AC2 8  HOH D .  ? HOH A 208 . ? 1_555 ? 
18 AC2 8  HOH D .  ? HOH A 213 . ? 1_555 ? 
# 
_pdbx_validate_symm_contact.id                1 
_pdbx_validate_symm_contact.PDB_model_num     1 
_pdbx_validate_symm_contact.auth_atom_id_1    O 
_pdbx_validate_symm_contact.auth_asym_id_1    A 
_pdbx_validate_symm_contact.auth_comp_id_1    HOH 
_pdbx_validate_symm_contact.auth_seq_id_1     245 
_pdbx_validate_symm_contact.PDB_ins_code_1    ? 
_pdbx_validate_symm_contact.label_alt_id_1    ? 
_pdbx_validate_symm_contact.site_symmetry_1   1_555 
_pdbx_validate_symm_contact.auth_atom_id_2    O 
_pdbx_validate_symm_contact.auth_asym_id_2    A 
_pdbx_validate_symm_contact.auth_comp_id_2    HOH 
_pdbx_validate_symm_contact.auth_seq_id_2     245 
_pdbx_validate_symm_contact.PDB_ins_code_2    ? 
_pdbx_validate_symm_contact.label_alt_id_2    ? 
_pdbx_validate_symm_contact.site_symmetry_2   8_555 
_pdbx_validate_symm_contact.dist              2.11 
# 
loop_
_pdbx_validate_rmsd_angle.id 
_pdbx_validate_rmsd_angle.PDB_model_num 
_pdbx_validate_rmsd_angle.auth_atom_id_1 
_pdbx_validate_rmsd_angle.auth_asym_id_1 
_pdbx_validate_rmsd_angle.auth_comp_id_1 
_pdbx_validate_rmsd_angle.auth_seq_id_1 
_pdbx_validate_rmsd_angle.PDB_ins_code_1 
_pdbx_validate_rmsd_angle.label_alt_id_1 
_pdbx_validate_rmsd_angle.auth_atom_id_2 
_pdbx_validate_rmsd_angle.auth_asym_id_2 
_pdbx_validate_rmsd_angle.auth_comp_id_2 
_pdbx_validate_rmsd_angle.auth_seq_id_2 
_pdbx_validate_rmsd_angle.PDB_ins_code_2 
_pdbx_validate_rmsd_angle.label_alt_id_2 
_pdbx_validate_rmsd_angle.auth_atom_id_3 
_pdbx_validate_rmsd_angle.auth_asym_id_3 
_pdbx_validate_rmsd_angle.auth_comp_id_3 
_pdbx_validate_rmsd_angle.auth_seq_id_3 
_pdbx_validate_rmsd_angle.PDB_ins_code_3 
_pdbx_validate_rmsd_angle.label_alt_id_3 
_pdbx_validate_rmsd_angle.angle_value 
_pdbx_validate_rmsd_angle.angle_target_value 
_pdbx_validate_rmsd_angle.angle_deviation 
_pdbx_validate_rmsd_angle.angle_standard_deviation 
_pdbx_validate_rmsd_angle.linker_flag 
1 1 "O3'" A DC 1 ? ? P A DC 2 ? ? "O5'" A DC 2 ? ? 90.60  104.00 -13.40 1.90 Y 
2 1 "O3'" A DC 1 ? ? P A DC 2 ? ? OP2   A DC 2 ? ? 118.73 110.50 8.23   1.10 Y 
3 1 "O3'" A DT 6 ? ? P A DC 7 ? ? OP2   A DC 7 ? ? 117.75 110.50 7.25   1.10 Y 
# 
_pdbx_struct_special_symmetry.id              1 
_pdbx_struct_special_symmetry.PDB_model_num   1 
_pdbx_struct_special_symmetry.auth_asym_id    A 
_pdbx_struct_special_symmetry.auth_comp_id    HOH 
_pdbx_struct_special_symmetry.auth_seq_id     225 
_pdbx_struct_special_symmetry.PDB_ins_code    ? 
_pdbx_struct_special_symmetry.label_asym_id   D 
_pdbx_struct_special_symmetry.label_comp_id   HOH 
_pdbx_struct_special_symmetry.label_seq_id    . 
# 
loop_
_chem_comp_atom.comp_id 
_chem_comp_atom.atom_id 
_chem_comp_atom.type_symbol 
_chem_comp_atom.pdbx_aromatic_flag 
_chem_comp_atom.pdbx_stereo_config 
_chem_comp_atom.pdbx_ordinal 
BA  BA     BA N N 1   
DA  OP3    O  N N 2   
DA  P      P  N N 3   
DA  OP1    O  N N 4   
DA  OP2    O  N N 5   
DA  "O5'"  O  N N 6   
DA  "C5'"  C  N N 7   
DA  "C4'"  C  N R 8   
DA  "O4'"  O  N N 9   
DA  "C3'"  C  N S 10  
DA  "O3'"  O  N N 11  
DA  "C2'"  C  N N 12  
DA  "C1'"  C  N R 13  
DA  N9     N  Y N 14  
DA  C8     C  Y N 15  
DA  N7     N  Y N 16  
DA  C5     C  Y N 17  
DA  C6     C  Y N 18  
DA  N6     N  N N 19  
DA  N1     N  Y N 20  
DA  C2     C  Y N 21  
DA  N3     N  Y N 22  
DA  C4     C  Y N 23  
DA  HOP3   H  N N 24  
DA  HOP2   H  N N 25  
DA  "H5'"  H  N N 26  
DA  "H5''" H  N N 27  
DA  "H4'"  H  N N 28  
DA  "H3'"  H  N N 29  
DA  "HO3'" H  N N 30  
DA  "H2'"  H  N N 31  
DA  "H2''" H  N N 32  
DA  "H1'"  H  N N 33  
DA  H8     H  N N 34  
DA  H61    H  N N 35  
DA  H62    H  N N 36  
DA  H2     H  N N 37  
DC  OP3    O  N N 38  
DC  P      P  N N 39  
DC  OP1    O  N N 40  
DC  OP2    O  N N 41  
DC  "O5'"  O  N N 42  
DC  "C5'"  C  N N 43  
DC  "C4'"  C  N R 44  
DC  "O4'"  O  N N 45  
DC  "C3'"  C  N S 46  
DC  "O3'"  O  N N 47  
DC  "C2'"  C  N N 48  
DC  "C1'"  C  N R 49  
DC  N1     N  N N 50  
DC  C2     C  N N 51  
DC  O2     O  N N 52  
DC  N3     N  N N 53  
DC  C4     C  N N 54  
DC  N4     N  N N 55  
DC  C5     C  N N 56  
DC  C6     C  N N 57  
DC  HOP3   H  N N 58  
DC  HOP2   H  N N 59  
DC  "H5'"  H  N N 60  
DC  "H5''" H  N N 61  
DC  "H4'"  H  N N 62  
DC  "H3'"  H  N N 63  
DC  "HO3'" H  N N 64  
DC  "H2'"  H  N N 65  
DC  "H2''" H  N N 66  
DC  "H1'"  H  N N 67  
DC  H41    H  N N 68  
DC  H42    H  N N 69  
DC  H5     H  N N 70  
DC  H6     H  N N 71  
DG  OP3    O  N N 72  
DG  P      P  N N 73  
DG  OP1    O  N N 74  
DG  OP2    O  N N 75  
DG  "O5'"  O  N N 76  
DG  "C5'"  C  N N 77  
DG  "C4'"  C  N R 78  
DG  "O4'"  O  N N 79  
DG  "C3'"  C  N S 80  
DG  "O3'"  O  N N 81  
DG  "C2'"  C  N N 82  
DG  "C1'"  C  N R 83  
DG  N9     N  Y N 84  
DG  C8     C  Y N 85  
DG  N7     N  Y N 86  
DG  C5     C  Y N 87  
DG  C6     C  N N 88  
DG  O6     O  N N 89  
DG  N1     N  N N 90  
DG  C2     C  N N 91  
DG  N2     N  N N 92  
DG  N3     N  N N 93  
DG  C4     C  Y N 94  
DG  HOP3   H  N N 95  
DG  HOP2   H  N N 96  
DG  "H5'"  H  N N 97  
DG  "H5''" H  N N 98  
DG  "H4'"  H  N N 99  
DG  "H3'"  H  N N 100 
DG  "HO3'" H  N N 101 
DG  "H2'"  H  N N 102 
DG  "H2''" H  N N 103 
DG  "H1'"  H  N N 104 
DG  H8     H  N N 105 
DG  H1     H  N N 106 
DG  H21    H  N N 107 
DG  H22    H  N N 108 
DT  OP3    O  N N 109 
DT  P      P  N N 110 
DT  OP1    O  N N 111 
DT  OP2    O  N N 112 
DT  "O5'"  O  N N 113 
DT  "C5'"  C  N N 114 
DT  "C4'"  C  N R 115 
DT  "O4'"  O  N N 116 
DT  "C3'"  C  N S 117 
DT  "O3'"  O  N N 118 
DT  "C2'"  C  N N 119 
DT  "C1'"  C  N R 120 
DT  N1     N  N N 121 
DT  C2     C  N N 122 
DT  O2     O  N N 123 
DT  N3     N  N N 124 
DT  C4     C  N N 125 
DT  O4     O  N N 126 
DT  C5     C  N N 127 
DT  C7     C  N N 128 
DT  C6     C  N N 129 
DT  HOP3   H  N N 130 
DT  HOP2   H  N N 131 
DT  "H5'"  H  N N 132 
DT  "H5''" H  N N 133 
DT  "H4'"  H  N N 134 
DT  "H3'"  H  N N 135 
DT  "HO3'" H  N N 136 
DT  "H2'"  H  N N 137 
DT  "H2''" H  N N 138 
DT  "H1'"  H  N N 139 
DT  H3     H  N N 140 
DT  H71    H  N N 141 
DT  H72    H  N N 142 
DT  H73    H  N N 143 
DT  H6     H  N N 144 
HOH O      O  N N 145 
HOH H1     H  N N 146 
HOH H2     H  N N 147 
RKP RU     RU N N 148 
RKP C1     C  Y N 149 
RKP N1     N  Y N 150 
RKP C2     C  Y N 151 
RKP N2     N  Y N 152 
RKP C3     C  Y N 153 
RKP N3     N  Y N 154 
RKP C4     C  Y N 155 
RKP N4     N  Y N 156 
RKP C5     C  Y N 157 
RKP N5     N  Y N 158 
RKP C6     C  Y N 159 
RKP C7     C  Y N 160 
RKP C8     C  Y N 161 
RKP N8     N  Y N 162 
RKP C9     C  Y N 163 
RKP N9     N  Y N 164 
RKP C10    C  Y N 165 
RKP C11    C  Y N 166 
RKP C12    C  Y N 167 
RKP N12    N  Y N 168 
RKP C13    C  Y N 169 
RKP C14    C  Y N 170 
RKP C15    C  Y N 171 
RKP C16    C  Y N 172 
RKP C17    C  Y N 173 
RKP C18    C  Y N 174 
RKP C19    C  Y N 175 
RKP C20    C  Y N 176 
RKP C21    C  Y N 177 
RKP C22    C  Y N 178 
RKP C23    C  Y N 179 
RKP C24    C  Y N 180 
RKP C25    C  Y N 181 
RKP C26    C  Y N 182 
RKP C27    C  Y N 183 
RKP C28    C  Y N 184 
RKP C29    C  Y N 185 
RKP C30    C  Y N 186 
RKP C31    C  Y N 187 
RKP C32    C  Y N 188 
RKP C33    C  Y N 189 
RKP C34    C  Y N 190 
RKP C35    C  Y N 191 
RKP C36    C  Y N 192 
RKP C37    C  Y N 193 
RKP C38    C  Y N 194 
RKP C41    C  Y N 195 
RKP C42    C  Y N 196 
RKP C43    C  Y N 197 
RKP C44    C  Y N 198 
RKP H2     H  N N 199 
RKP H3     H  N N 200 
RKP H4     H  N N 201 
RKP H9     H  N N 202 
RKP H11    H  N N 203 
RKP H12    H  N N 204 
RKP H14    H  N N 205 
RKP H16    H  N N 206 
RKP H17    H  N N 207 
RKP H18    H  N N 208 
RKP H20    H  N N 209 
RKP H21    H  N N 210 
RKP H23    H  N N 211 
RKP H24    H  N N 212 
RKP H27    H  N N 213 
RKP H28    H  N N 214 
RKP H30    H  N N 215 
RKP H31    H  N N 216 
RKP H33    H  N N 217 
RKP H34    H  N N 218 
RKP H37    H  N N 219 
RKP H38    H  N N 220 
RKP H41    H  N N 221 
RKP H42    H  N N 222 
RKP H43    H  N N 223 
RKP H44    H  N N 224 
# 
loop_
_chem_comp_bond.comp_id 
_chem_comp_bond.atom_id_1 
_chem_comp_bond.atom_id_2 
_chem_comp_bond.value_order 
_chem_comp_bond.pdbx_aromatic_flag 
_chem_comp_bond.pdbx_stereo_config 
_chem_comp_bond.pdbx_ordinal 
DA  OP3   P      sing N N 1   
DA  OP3   HOP3   sing N N 2   
DA  P     OP1    doub N N 3   
DA  P     OP2    sing N N 4   
DA  P     "O5'"  sing N N 5   
DA  OP2   HOP2   sing N N 6   
DA  "O5'" "C5'"  sing N N 7   
DA  "C5'" "C4'"  sing N N 8   
DA  "C5'" "H5'"  sing N N 9   
DA  "C5'" "H5''" sing N N 10  
DA  "C4'" "O4'"  sing N N 11  
DA  "C4'" "C3'"  sing N N 12  
DA  "C4'" "H4'"  sing N N 13  
DA  "O4'" "C1'"  sing N N 14  
DA  "C3'" "O3'"  sing N N 15  
DA  "C3'" "C2'"  sing N N 16  
DA  "C3'" "H3'"  sing N N 17  
DA  "O3'" "HO3'" sing N N 18  
DA  "C2'" "C1'"  sing N N 19  
DA  "C2'" "H2'"  sing N N 20  
DA  "C2'" "H2''" sing N N 21  
DA  "C1'" N9     sing N N 22  
DA  "C1'" "H1'"  sing N N 23  
DA  N9    C8     sing Y N 24  
DA  N9    C4     sing Y N 25  
DA  C8    N7     doub Y N 26  
DA  C8    H8     sing N N 27  
DA  N7    C5     sing Y N 28  
DA  C5    C6     sing Y N 29  
DA  C5    C4     doub Y N 30  
DA  C6    N6     sing N N 31  
DA  C6    N1     doub Y N 32  
DA  N6    H61    sing N N 33  
DA  N6    H62    sing N N 34  
DA  N1    C2     sing Y N 35  
DA  C2    N3     doub Y N 36  
DA  C2    H2     sing N N 37  
DA  N3    C4     sing Y N 38  
DC  OP3   P      sing N N 39  
DC  OP3   HOP3   sing N N 40  
DC  P     OP1    doub N N 41  
DC  P     OP2    sing N N 42  
DC  P     "O5'"  sing N N 43  
DC  OP2   HOP2   sing N N 44  
DC  "O5'" "C5'"  sing N N 45  
DC  "C5'" "C4'"  sing N N 46  
DC  "C5'" "H5'"  sing N N 47  
DC  "C5'" "H5''" sing N N 48  
DC  "C4'" "O4'"  sing N N 49  
DC  "C4'" "C3'"  sing N N 50  
DC  "C4'" "H4'"  sing N N 51  
DC  "O4'" "C1'"  sing N N 52  
DC  "C3'" "O3'"  sing N N 53  
DC  "C3'" "C2'"  sing N N 54  
DC  "C3'" "H3'"  sing N N 55  
DC  "O3'" "HO3'" sing N N 56  
DC  "C2'" "C1'"  sing N N 57  
DC  "C2'" "H2'"  sing N N 58  
DC  "C2'" "H2''" sing N N 59  
DC  "C1'" N1     sing N N 60  
DC  "C1'" "H1'"  sing N N 61  
DC  N1    C2     sing N N 62  
DC  N1    C6     sing N N 63  
DC  C2    O2     doub N N 64  
DC  C2    N3     sing N N 65  
DC  N3    C4     doub N N 66  
DC  C4    N4     sing N N 67  
DC  C4    C5     sing N N 68  
DC  N4    H41    sing N N 69  
DC  N4    H42    sing N N 70  
DC  C5    C6     doub N N 71  
DC  C5    H5     sing N N 72  
DC  C6    H6     sing N N 73  
DG  OP3   P      sing N N 74  
DG  OP3   HOP3   sing N N 75  
DG  P     OP1    doub N N 76  
DG  P     OP2    sing N N 77  
DG  P     "O5'"  sing N N 78  
DG  OP2   HOP2   sing N N 79  
DG  "O5'" "C5'"  sing N N 80  
DG  "C5'" "C4'"  sing N N 81  
DG  "C5'" "H5'"  sing N N 82  
DG  "C5'" "H5''" sing N N 83  
DG  "C4'" "O4'"  sing N N 84  
DG  "C4'" "C3'"  sing N N 85  
DG  "C4'" "H4'"  sing N N 86  
DG  "O4'" "C1'"  sing N N 87  
DG  "C3'" "O3'"  sing N N 88  
DG  "C3'" "C2'"  sing N N 89  
DG  "C3'" "H3'"  sing N N 90  
DG  "O3'" "HO3'" sing N N 91  
DG  "C2'" "C1'"  sing N N 92  
DG  "C2'" "H2'"  sing N N 93  
DG  "C2'" "H2''" sing N N 94  
DG  "C1'" N9     sing N N 95  
DG  "C1'" "H1'"  sing N N 96  
DG  N9    C8     sing Y N 97  
DG  N9    C4     sing Y N 98  
DG  C8    N7     doub Y N 99  
DG  C8    H8     sing N N 100 
DG  N7    C5     sing Y N 101 
DG  C5    C6     sing N N 102 
DG  C5    C4     doub Y N 103 
DG  C6    O6     doub N N 104 
DG  C6    N1     sing N N 105 
DG  N1    C2     sing N N 106 
DG  N1    H1     sing N N 107 
DG  C2    N2     sing N N 108 
DG  C2    N3     doub N N 109 
DG  N2    H21    sing N N 110 
DG  N2    H22    sing N N 111 
DG  N3    C4     sing N N 112 
DT  OP3   P      sing N N 113 
DT  OP3   HOP3   sing N N 114 
DT  P     OP1    doub N N 115 
DT  P     OP2    sing N N 116 
DT  P     "O5'"  sing N N 117 
DT  OP2   HOP2   sing N N 118 
DT  "O5'" "C5'"  sing N N 119 
DT  "C5'" "C4'"  sing N N 120 
DT  "C5'" "H5'"  sing N N 121 
DT  "C5'" "H5''" sing N N 122 
DT  "C4'" "O4'"  sing N N 123 
DT  "C4'" "C3'"  sing N N 124 
DT  "C4'" "H4'"  sing N N 125 
DT  "O4'" "C1'"  sing N N 126 
DT  "C3'" "O3'"  sing N N 127 
DT  "C3'" "C2'"  sing N N 128 
DT  "C3'" "H3'"  sing N N 129 
DT  "O3'" "HO3'" sing N N 130 
DT  "C2'" "C1'"  sing N N 131 
DT  "C2'" "H2'"  sing N N 132 
DT  "C2'" "H2''" sing N N 133 
DT  "C1'" N1     sing N N 134 
DT  "C1'" "H1'"  sing N N 135 
DT  N1    C2     sing N N 136 
DT  N1    C6     sing N N 137 
DT  C2    O2     doub N N 138 
DT  C2    N3     sing N N 139 
DT  N3    C4     sing N N 140 
DT  N3    H3     sing N N 141 
DT  C4    O4     doub N N 142 
DT  C4    C5     sing N N 143 
DT  C5    C7     sing N N 144 
DT  C5    C6     doub N N 145 
DT  C7    H71    sing N N 146 
DT  C7    H72    sing N N 147 
DT  C7    H73    sing N N 148 
DT  C6    H6     sing N N 149 
HOH O     H1     sing N N 150 
HOH O     H2     sing N N 151 
RKP C1    N2     sing Y N 152 
RKP C1    C5     doub Y N 153 
RKP C1    C10    sing Y N 154 
RKP N1    C10    sing Y N 155 
RKP N1    C12    doub Y N 156 
RKP C2    N2     doub Y N 157 
RKP C2    C3     sing Y N 158 
RKP C3    C4     doub Y N 159 
RKP N3    C6     sing Y N 160 
RKP N3    C15    doub Y N 161 
RKP C4    C5     sing Y N 162 
RKP N4    C7     sing Y N 163 
RKP N4    C13    doub Y N 164 
RKP C5    C6     sing Y N 165 
RKP N5    C19    sing Y N 166 
RKP N5    C20    doub Y N 167 
RKP C6    C7     doub Y N 168 
RKP C7    C8     sing Y N 169 
RKP C8    C9     sing Y N 170 
RKP C8    C10    doub Y N 171 
RKP N8    C26    sing Y N 172 
RKP N8    C28    doub Y N 173 
RKP C9    C11    doub Y N 174 
RKP N9    C29    sing Y N 175 
RKP N9    C30    doub Y N 176 
RKP C11   C12    sing Y N 177 
RKP N12   C36    sing Y N 178 
RKP N12   C38    doub Y N 179 
RKP C13   C14    sing Y N 180 
RKP C13   C15    sing Y N 181 
RKP C14   C18    doub Y N 182 
RKP C15   C16    sing Y N 183 
RKP C16   C17    doub Y N 184 
RKP C17   C18    sing Y N 185 
RKP C19   C22    doub Y N 186 
RKP C19   C26    sing Y N 187 
RKP C20   C21    sing Y N 188 
RKP C21   C41    doub Y N 189 
RKP C22   C23    sing Y N 190 
RKP C22   C41    sing Y N 191 
RKP C23   C24    doub Y N 192 
RKP C24   C25    sing Y N 193 
RKP C25   C26    doub Y N 194 
RKP C25   C42    sing Y N 195 
RKP C27   C28    sing Y N 196 
RKP C27   C42    doub Y N 197 
RKP C29   C32    doub Y N 198 
RKP C29   C36    sing Y N 199 
RKP C30   C31    sing Y N 200 
RKP C31   C43    doub Y N 201 
RKP C32   C33    sing Y N 202 
RKP C32   C43    sing Y N 203 
RKP C33   C34    doub Y N 204 
RKP C34   C35    sing Y N 205 
RKP C35   C36    doub Y N 206 
RKP C35   C44    sing Y N 207 
RKP C37   C38    sing Y N 208 
RKP C37   C44    doub Y N 209 
RKP C2    H2     sing N N 210 
RKP C3    H3     sing N N 211 
RKP C4    H4     sing N N 212 
RKP C9    H9     sing N N 213 
RKP C11   H11    sing N N 214 
RKP C12   H12    sing N N 215 
RKP C14   H14    sing N N 216 
RKP C16   H16    sing N N 217 
RKP C17   H17    sing N N 218 
RKP C18   H18    sing N N 219 
RKP C20   H20    sing N N 220 
RKP C21   H21    sing N N 221 
RKP C23   H23    sing N N 222 
RKP C24   H24    sing N N 223 
RKP C27   H27    sing N N 224 
RKP C28   H28    sing N N 225 
RKP C30   H30    sing N N 226 
RKP C31   H31    sing N N 227 
RKP C33   H33    sing N N 228 
RKP C34   H34    sing N N 229 
RKP C37   H37    sing N N 230 
RKP C38   H38    sing N N 231 
RKP C41   H41    sing N N 232 
RKP C42   H42    sing N N 233 
RKP C43   H43    sing N N 234 
RKP C44   H44    sing N N 235 
RKP RU    N1     sing N N 236 
RKP RU    N2     sing N N 237 
RKP RU    N5     sing N N 238 
RKP RU    N8     sing N N 239 
RKP RU    N9     sing N N 240 
RKP RU    N12    sing N N 241 
# 
loop_
_ndb_struct_conf_na.entry_id 
_ndb_struct_conf_na.feature 
4E7Y 'double helix'        
4E7Y 'b-form double helix' 
# 
loop_
_ndb_struct_na_base_pair.model_number 
_ndb_struct_na_base_pair.i_label_asym_id 
_ndb_struct_na_base_pair.i_label_comp_id 
_ndb_struct_na_base_pair.i_label_seq_id 
_ndb_struct_na_base_pair.i_symmetry 
_ndb_struct_na_base_pair.j_label_asym_id 
_ndb_struct_na_base_pair.j_label_comp_id 
_ndb_struct_na_base_pair.j_label_seq_id 
_ndb_struct_na_base_pair.j_symmetry 
_ndb_struct_na_base_pair.shear 
_ndb_struct_na_base_pair.stretch 
_ndb_struct_na_base_pair.stagger 
_ndb_struct_na_base_pair.buckle 
_ndb_struct_na_base_pair.propeller 
_ndb_struct_na_base_pair.opening 
_ndb_struct_na_base_pair.pair_number 
_ndb_struct_na_base_pair.pair_name 
_ndb_struct_na_base_pair.i_auth_asym_id 
_ndb_struct_na_base_pair.i_auth_seq_id 
_ndb_struct_na_base_pair.i_PDB_ins_code 
_ndb_struct_na_base_pair.j_auth_asym_id 
_ndb_struct_na_base_pair.j_auth_seq_id 
_ndb_struct_na_base_pair.j_PDB_ins_code 
_ndb_struct_na_base_pair.hbond_type_28 
_ndb_struct_na_base_pair.hbond_type_12 
1 A DC 1  1_555 A DG 10 8_555 -3.783 5.170  -0.151 -2.150  -8.831 -128.061 1  A_DC1:DG10_A A 1  ? A 10 ? ?  3 
1 A DC 2  1_555 A DG 9  8_555 0.235  -0.133 0.106  -8.023  3.306  1.277    2  A_DC2:DG9_A  A 2  ? A 9  ? 19 1 
1 A DG 3  1_555 A DC 8  8_555 -0.248 -0.039 0.188  22.823  -5.629 -0.414   3  A_DG3:DC8_A  A 3  ? A 8  ? 19 1 
1 A DG 4  1_555 A DC 7  8_555 -0.242 -0.056 -0.211 -15.191 -0.547 -0.488   4  A_DG4:DC7_A  A 4  ? A 7  ? 19 1 
1 A DA 5  1_555 A DT 6  8_555 0.063  -0.143 0.064  -3.613  -6.008 2.761    5  A_DA5:DT6_A  A 5  ? A 6  ? 20 1 
1 A DT 6  1_555 A DA 5  8_555 -0.063 -0.143 0.064  3.613   -6.008 2.761    6  A_DT6:DA5_A  A 6  ? A 5  ? 20 1 
1 A DC 7  1_555 A DG 4  8_555 0.242  -0.056 -0.211 15.191  -0.547 -0.488   7  A_DC7:DG4_A  A 7  ? A 4  ? 19 1 
1 A DC 8  1_555 A DG 3  8_555 0.248  -0.039 0.188  -22.822 -5.629 -0.414   8  A_DC8:DG3_A  A 8  ? A 3  ? 19 1 
1 A DG 9  1_555 A DC 2  8_555 -0.235 -0.133 0.106  8.023   3.306  1.277    9  A_DG9:DC2_A  A 9  ? A 2  ? 19 1 
1 A DG 10 1_555 A DC 1  8_555 3.783  -5.170 0.151  2.150   8.831  128.061  10 A_DG10:DC1_A A 10 ? A 1  ? ?  3 
# 
loop_
_ndb_struct_na_base_pair_step.model_number 
_ndb_struct_na_base_pair_step.i_label_asym_id_1 
_ndb_struct_na_base_pair_step.i_label_comp_id_1 
_ndb_struct_na_base_pair_step.i_label_seq_id_1 
_ndb_struct_na_base_pair_step.i_symmetry_1 
_ndb_struct_na_base_pair_step.j_label_asym_id_1 
_ndb_struct_na_base_pair_step.j_label_comp_id_1 
_ndb_struct_na_base_pair_step.j_label_seq_id_1 
_ndb_struct_na_base_pair_step.j_symmetry_1 
_ndb_struct_na_base_pair_step.i_label_asym_id_2 
_ndb_struct_na_base_pair_step.i_label_comp_id_2 
_ndb_struct_na_base_pair_step.i_label_seq_id_2 
_ndb_struct_na_base_pair_step.i_symmetry_2 
_ndb_struct_na_base_pair_step.j_label_asym_id_2 
_ndb_struct_na_base_pair_step.j_label_comp_id_2 
_ndb_struct_na_base_pair_step.j_label_seq_id_2 
_ndb_struct_na_base_pair_step.j_symmetry_2 
_ndb_struct_na_base_pair_step.shift 
_ndb_struct_na_base_pair_step.slide 
_ndb_struct_na_base_pair_step.rise 
_ndb_struct_na_base_pair_step.tilt 
_ndb_struct_na_base_pair_step.roll 
_ndb_struct_na_base_pair_step.twist 
_ndb_struct_na_base_pair_step.x_displacement 
_ndb_struct_na_base_pair_step.y_displacement 
_ndb_struct_na_base_pair_step.helical_rise 
_ndb_struct_na_base_pair_step.inclination 
_ndb_struct_na_base_pair_step.tip 
_ndb_struct_na_base_pair_step.helical_twist 
_ndb_struct_na_base_pair_step.step_number 
_ndb_struct_na_base_pair_step.step_name 
_ndb_struct_na_base_pair_step.i_auth_asym_id_1 
_ndb_struct_na_base_pair_step.i_auth_seq_id_1 
_ndb_struct_na_base_pair_step.i_PDB_ins_code_1 
_ndb_struct_na_base_pair_step.j_auth_asym_id_1 
_ndb_struct_na_base_pair_step.j_auth_seq_id_1 
_ndb_struct_na_base_pair_step.j_PDB_ins_code_1 
_ndb_struct_na_base_pair_step.i_auth_asym_id_2 
_ndb_struct_na_base_pair_step.i_auth_seq_id_2 
_ndb_struct_na_base_pair_step.i_PDB_ins_code_2 
_ndb_struct_na_base_pair_step.j_auth_asym_id_2 
_ndb_struct_na_base_pair_step.j_auth_seq_id_2 
_ndb_struct_na_base_pair_step.j_PDB_ins_code_2 
1 A DC 1 1_555 A DG 10 8_555 A DC 2  1_555 A DG 9 8_555 0.618  1.034  7.069 -2.268   3.151  -8.396  -21.104 -6.740 6.218 -20.165 
-14.510 -9.249  1 AA_DC1DC2:DG9DG10_AA A 1 ? A 10 ? A 2  ? A 9 ? 
1 A DC 2 1_555 A DG 9  8_555 A DG 3  1_555 A DC 8 8_555 -0.321 1.552  2.776 1.028    3.289  21.305  2.984   1.219  2.960 8.821   
-2.758  21.578  2 AA_DC2DG3:DC8DG9_AA  A 2 ? A 9  ? A 3  ? A 8 ? 
1 A DG 3 1_555 A DC 8  8_555 A DG 4  1_555 A DC 7 8_555 -0.221 0.958  5.357 -1.763   55.236 11.237  -5.345  0.031  2.055 79.366  
2.533   56.307  3 AA_DG3DG4:DC7DC8_AA  A 3 ? A 8  ? A 4  ? A 7 ? 
1 A DG 4 1_555 A DC 7  8_555 A DA 5  1_555 A DT 6 8_555 -1.161 0.664  3.123 -8.681   8.039  34.178  -0.091  0.618  3.376 13.197  
14.252  36.110  4 AA_DG4DA5:DT6DC7_AA  A 4 ? A 7  ? A 5  ? A 6 ? 
1 A DA 5 1_555 A DT 6  8_555 A DT 6  1_555 A DA 5 8_555 0.000  -0.511 3.125 0.000    4.850  26.593  -2.255  0.000  2.986 10.433  
0.000   27.024  5 AA_DA5DT6:DA5DT6_AA  A 5 ? A 6  ? A 6  ? A 5 ? 
1 A DT 6 1_555 A DA 5  8_555 A DC 7  1_555 A DG 4 8_555 1.161  0.664  3.123 8.681    8.039  34.178  -0.091  -0.618 3.376 13.197  
-14.252 36.110  6 AA_DT6DC7:DG4DA5_AA  A 6 ? A 5  ? A 7  ? A 4 ? 
1 A DC 7 1_555 A DG 4  8_555 A DC 8  1_555 A DG 3 8_555 0.221  0.958  5.357 1.763    55.236 11.237  -5.345  -0.031 2.055 79.366  
-2.533  56.307  7 AA_DC7DC8:DG3DG4_AA  A 7 ? A 4  ? A 8  ? A 3 ? 
1 A DC 8 1_555 A DG 3  8_555 A DG 9  1_555 A DC 2 8_555 0.321  1.552  2.776 -1.028   3.289  21.305  2.984   -1.219 2.960 8.821   
2.758   21.578  8 AA_DC8DG9:DC2DG3_AA  A 8 ? A 3  ? A 9  ? A 2 ? 
1 A DG 9 1_555 A DC 2  8_555 A DG 10 1_555 A DC 1 8_555 -0.040 -7.085 1.105 -175.645 12.893 108.525 -3.564  -0.257 0.618 6.473   
88.187  177.733 9 AA_DG9DG10:DC1DC2_AA A 9 ? A 2  ? A 10 ? A 1 ? 
# 
_atom_sites.entry_id                    4E7Y 
_atom_sites.fract_transf_matrix[1][1]   -0.00664806 
_atom_sites.fract_transf_matrix[1][2]   0.01870003 
_atom_sites.fract_transf_matrix[1][3]   -0.00672801 
_atom_sites.fract_transf_matrix[2][1]   0.00296751 
_atom_sites.fract_transf_matrix[2][2]   -0.00608086 
_atom_sites.fract_transf_matrix[2][3]   -0.01983358 
_atom_sites.fract_transf_matrix[3][1]   -0.02705491 
_atom_sites.fract_transf_matrix[3][2]   -0.00997445 
_atom_sites.fract_transf_matrix[3][3]   -0.00098986 
_atom_sites.fract_transf_vector[1]      -0.196362 
_atom_sites.fract_transf_vector[2]      0.272681 
_atom_sites.fract_transf_vector[3]      0.120492 
# 
loop_
_atom_type.symbol 
BA 
C  
N  
O  
P  
RU 
# 
loop_
_atom_site.group_PDB 
_atom_site.id 
_atom_site.type_symbol 
_atom_site.label_atom_id 
_atom_site.label_alt_id 
_atom_site.label_comp_id 
_atom_site.label_asym_id 
_atom_site.label_entity_id 
_atom_site.label_seq_id 
_atom_site.pdbx_PDB_ins_code 
_atom_site.Cartn_x 
_atom_site.Cartn_y 
_atom_site.Cartn_z 
_atom_site.occupancy 
_atom_site.B_iso_or_equiv 
_atom_site.pdbx_formal_charge 
_atom_site.auth_seq_id 
_atom_site.auth_comp_id 
_atom_site.auth_asym_id 
_atom_site.auth_atom_id 
_atom_site.pdbx_PDB_model_num 
ATOM   1   O  "O5'" . DC  A 1 1  ? -17.280 -0.174  6.415   0.70 55.18 ? 1   DC  A "O5'" 1 
ATOM   2   C  "C5'" . DC  A 1 1  ? -17.044 -1.392  7.144   0.70 54.32 ? 1   DC  A "C5'" 1 
ATOM   3   C  "C4'" . DC  A 1 1  ? -16.362 -1.066  8.454   0.70 54.69 ? 1   DC  A "C4'" 1 
ATOM   4   O  "O4'" . DC  A 1 1  ? -17.273 -1.305  9.553   0.70 59.66 ? 1   DC  A "O4'" 1 
ATOM   5   C  "C3'" . DC  A 1 1  ? -15.107 -1.868  8.794   0.70 48.87 ? 1   DC  A "C3'" 1 
ATOM   6   O  "O3'" . DC  A 1 1  ? -13.974 -1.229  8.208   0.70 44.88 ? 1   DC  A "O3'" 1 
ATOM   7   C  "C2'" . DC  A 1 1  ? -15.085 -1.768  10.306  0.70 45.55 ? 1   DC  A "C2'" 1 
ATOM   8   C  "C1'" . DC  A 1 1  ? -16.571 -1.851  10.658  0.70 47.16 ? 1   DC  A "C1'" 1 
ATOM   9   N  N1    . DC  A 1 1  ? -16.985 -3.251  10.819  0.70 39.93 ? 1   DC  A N1    1 
ATOM   10  C  C2    . DC  A 1 1  ? -16.746 -3.846  12.048  0.70 36.80 ? 1   DC  A C2    1 
ATOM   11  O  O2    . DC  A 1 1  ? -16.272 -3.154  12.967  0.70 34.26 ? 1   DC  A O2    1 
ATOM   12  N  N3    . DC  A 1 1  ? -17.030 -5.161  12.210  0.70 29.65 ? 1   DC  A N3    1 
ATOM   13  C  C4    . DC  A 1 1  ? -17.471 -5.878  11.183  0.70 27.72 ? 1   DC  A C4    1 
ATOM   14  N  N4    . DC  A 1 1  ? -17.692 -7.164  11.382  0.70 24.88 ? 1   DC  A N4    1 
ATOM   15  C  C5    . DC  A 1 1  ? -17.722 -5.294  9.911   0.70 29.57 ? 1   DC  A C5    1 
ATOM   16  C  C6    . DC  A 1 1  ? -17.429 -3.998  9.764   0.70 35.95 ? 1   DC  A C6    1 
ATOM   17  P  P     . DC  A 1 2  ? -13.385 -0.049  9.082   0.70 45.85 ? 2   DC  A P     1 
ATOM   18  O  OP1   . DC  A 1 2  ? -14.524 0.274   9.939   0.70 38.28 ? 2   DC  A OP1   1 
ATOM   19  O  OP2   . DC  A 1 2  ? -12.649 1.047   8.400   0.70 42.67 ? 2   DC  A OP2   1 
ATOM   20  O  "O5'" . DC  A 1 2  ? -12.322 -1.041  9.735   1.00 38.56 ? 2   DC  A "O5'" 1 
ATOM   21  C  "C5'" . DC  A 1 2  ? -12.053 -1.042  11.125  1.00 29.84 ? 2   DC  A "C5'" 1 
ATOM   22  C  "C4'" . DC  A 1 2  ? -10.872 -1.927  11.422  1.00 23.72 ? 2   DC  A "C4'" 1 
ATOM   23  O  "O4'" . DC  A 1 2  ? -11.257 -3.308  11.339  1.00 21.78 ? 2   DC  A "O4'" 1 
ATOM   24  C  "C3'" . DC  A 1 2  ? -9.688  -1.783  10.479  1.00 22.45 ? 2   DC  A "C3'" 1 
ATOM   25  O  "O3'" . DC  A 1 2  ? -8.863  -0.783  11.049  1.00 23.56 ? 2   DC  A "O3'" 1 
ATOM   26  C  "C2'" . DC  A 1 2  ? -8.995  -3.146  10.552  1.00 21.56 ? 2   DC  A "C2'" 1 
ATOM   27  C  "C1'" . DC  A 1 2  ? -10.123 -4.111  10.890  1.00 22.37 ? 2   DC  A "C1'" 1 
ATOM   28  N  N1    . DC  A 1 2  ? -10.607 -4.966  9.794   1.00 21.55 ? 2   DC  A N1    1 
ATOM   29  C  C2    . DC  A 1 2  ? -10.703 -6.360  9.998   1.00 19.51 ? 2   DC  A C2    1 
ATOM   30  O  O2    . DC  A 1 2  ? -10.269 -6.850  11.060  1.00 20.48 ? 2   DC  A O2    1 
ATOM   31  N  N3    . DC  A 1 2  ? -11.246 -7.137  9.023   1.00 20.30 ? 2   DC  A N3    1 
ATOM   32  C  C4    . DC  A 1 2  ? -11.712 -6.576  7.898   1.00 20.44 ? 2   DC  A C4    1 
ATOM   33  N  N4    . DC  A 1 2  ? -12.273 -7.379  6.980   1.00 18.14 ? 2   DC  A N4    1 
ATOM   34  C  C5    . DC  A 1 2  ? -11.639 -5.166  7.669   1.00 23.73 ? 2   DC  A C5    1 
ATOM   35  C  C6    . DC  A 1 2  ? -11.087 -4.405  8.636   1.00 23.78 ? 2   DC  A C6    1 
ATOM   36  P  P     . DG  A 1 3  ? -7.500  -0.302  10.391  1.00 24.56 ? 3   DG  A P     1 
ATOM   37  O  OP1   . DG  A 1 3  ? -7.092  0.971   11.060  1.00 25.04 ? 3   DG  A OP1   1 
ATOM   38  O  OP2   . DG  A 1 3  ? -7.733  -0.322  8.926   1.00 23.56 ? 3   DG  A OP2   1 
ATOM   39  O  "O5'" . DG  A 1 3  ? -6.343  -1.319  10.774  1.00 23.66 ? 3   DG  A "O5'" 1 
ATOM   40  C  "C5'" . DG  A 1 3  ? -5.929  -1.499  12.149  1.00 22.06 ? 3   DG  A "C5'" 1 
ATOM   41  C  "C4'" . DG  A 1 3  ? -5.072  -2.728  12.273  1.00 23.20 ? 3   DG  A "C4'" 1 
ATOM   42  O  "O4'" . DG  A 1 3  ? -5.883  -3.912  12.050  1.00 21.91 ? 3   DG  A "O4'" 1 
ATOM   43  C  "C3'" . DG  A 1 3  ? -3.919  -2.806  11.287  1.00 24.42 ? 3   DG  A "C3'" 1 
ATOM   44  O  "O3'" . DG  A 1 3  ? -2.811  -2.185  11.970  1.00 23.70 ? 3   DG  A "O3'" 1 
ATOM   45  C  "C2'" . DG  A 1 3  ? -3.742  -4.316  11.099  1.00 20.94 ? 3   DG  A "C2'" 1 
ATOM   46  C  "C1'" . DG  A 1 3  ? -5.142  -4.878  11.317  1.00 22.00 ? 3   DG  A "C1'" 1 
ATOM   47  N  N9    . DG  A 1 3  ? -5.904  -5.158  10.106  1.00 21.13 ? 3   DG  A N9    1 
ATOM   48  C  C8    . DG  A 1 3  ? -6.107  -4.331  9.028   1.00 19.71 ? 3   DG  A C8    1 
ATOM   49  N  N7    . DG  A 1 3  ? -6.858  -4.868  8.108   1.00 18.70 ? 3   DG  A N7    1 
ATOM   50  C  C5    . DG  A 1 3  ? -7.190  -6.113  8.625   1.00 17.64 ? 3   DG  A C5    1 
ATOM   51  C  C6    . DG  A 1 3  ? -7.966  -7.140  8.074   1.00 17.76 ? 3   DG  A C6    1 
ATOM   52  O  O6    . DG  A 1 3  ? -8.548  -7.155  6.994   1.00 19.47 ? 3   DG  A O6    1 
ATOM   53  N  N1    . DG  A 1 3  ? -8.036  -8.248  8.926   1.00 18.11 ? 3   DG  A N1    1 
ATOM   54  C  C2    . DG  A 1 3  ? -7.405  -8.359  10.135  1.00 18.55 ? 3   DG  A C2    1 
ATOM   55  N  N2    . DG  A 1 3  ? -7.499  -9.548  10.760  1.00 17.61 ? 3   DG  A N2    1 
ATOM   56  N  N3    . DG  A 1 3  ? -6.641  -7.410  10.645  1.00 19.10 ? 3   DG  A N3    1 
ATOM   57  C  C4    . DG  A 1 3  ? -6.622  -6.301  9.861   1.00 17.71 ? 3   DG  A C4    1 
ATOM   58  P  P     . DG  A 1 4  ? -1.790  -1.301  11.066  1.00 25.32 ? 4   DG  A P     1 
ATOM   59  O  OP1   . DG  A 1 4  ? -0.778  -0.843  12.122  1.00 24.65 ? 4   DG  A OP1   1 
ATOM   60  O  OP2   . DG  A 1 4  ? -2.548  -0.368  10.283  1.00 24.14 ? 4   DG  A OP2   1 
ATOM   61  O  "O5'" . DG  A 1 4  ? -1.126  -2.340  10.092  1.00 24.73 ? 4   DG  A "O5'" 1 
ATOM   62  C  "C5'" . DG  A 1 4  ? -0.232  -3.299  10.682  1.00 21.95 ? 4   DG  A "C5'" 1 
ATOM   63  C  "C4'" . DG  A 1 4  ? 0.376   -4.159  9.598   1.00 26.09 ? 4   DG  A "C4'" 1 
ATOM   64  O  "O4'" . DG  A 1 4  ? -0.663  -4.821  8.877   1.00 22.67 ? 4   DG  A "O4'" 1 
ATOM   65  C  "C3'" . DG  A 1 4  ? 1.156   -3.381  8.538   1.00 25.62 ? 4   DG  A "C3'" 1 
ATOM   66  O  "O3'" . DG  A 1 4  ? 2.241   -4.229  8.182   1.00 28.04 ? 4   DG  A "O3'" 1 
ATOM   67  C  "C2'" . DG  A 1 4  ? 0.154   -3.245  7.402   1.00 26.37 ? 4   DG  A "C2'" 1 
ATOM   68  C  "C1'" . DG  A 1 4  ? -0.518  -4.590  7.488   1.00 21.77 ? 4   DG  A "C1'" 1 
ATOM   69  N  N9    . DG  A 1 4  ? -1.846  -4.643  6.912   1.00 21.60 ? 4   DG  A N9    1 
ATOM   70  C  C8    . DG  A 1 4  ? -2.821  -3.686  7.025   1.00 19.70 ? 4   DG  A C8    1 
ATOM   71  N  N7    . DG  A 1 4  ? -3.937  -4.028  6.450   1.00 18.78 ? 4   DG  A N7    1 
ATOM   72  C  C5    . DG  A 1 4  ? -3.696  -5.307  5.957   1.00 17.35 ? 4   DG  A C5    1 
ATOM   73  C  C6    . DG  A 1 4  ? -4.557  -6.203  5.233   1.00 19.09 ? 4   DG  A C6    1 
ATOM   74  O  O6    . DG  A 1 4  ? -5.752  -6.035  4.887   1.00 18.82 ? 4   DG  A O6    1 
ATOM   75  N  N1    . DG  A 1 4  ? -3.902  -7.395  4.926   1.00 19.12 ? 4   DG  A N1    1 
ATOM   76  C  C2    . DG  A 1 4  ? -2.587  -7.673  5.222   1.00 20.57 ? 4   DG  A C2    1 
ATOM   77  N  N2    . DG  A 1 4  ? -2.153  -8.898  4.869   1.00 20.16 ? 4   DG  A N2    1 
ATOM   78  N  N3    . DG  A 1 4  ? -1.791  -6.863  5.908   1.00 20.12 ? 4   DG  A N3    1 
ATOM   79  C  C4    . DG  A 1 4  ? -2.410  -5.698  6.230   1.00 19.98 ? 4   DG  A C4    1 
ATOM   80  P  P     . DA  A 1 5  ? 3.457   -3.664  7.283   1.00 28.57 ? 5   DA  A P     1 
ATOM   81  O  OP1   . DA  A 1 5  ? 4.530   -3.627  8.279   1.00 31.44 ? 5   DA  A OP1   1 
ATOM   82  O  OP2   . DA  A 1 5  ? 3.141   -2.431  6.516   1.00 28.41 ? 5   DA  A OP2   1 
ATOM   83  O  "O5'" . DA  A 1 5  ? 3.637   -4.840  6.247   1.00 27.79 ? 5   DA  A "O5'" 1 
ATOM   84  C  "C5'" . DA  A 1 5  ? 4.044   -6.132  6.704   1.00 25.11 ? 5   DA  A "C5'" 1 
ATOM   85  C  "C4'" . DA  A 1 5  ? 4.158   -7.072  5.535   1.00 27.26 ? 5   DA  A "C4'" 1 
ATOM   86  O  "O4'" . DA  A 1 5  ? 2.860   -7.323  5.006   1.00 26.49 ? 5   DA  A "O4'" 1 
ATOM   87  C  "C3'" . DA  A 1 5  ? 4.995   -6.573  4.361   1.00 29.81 ? 5   DA  A "C3'" 1 
ATOM   88  O  "O3'" . DA  A 1 5  ? 5.604   -7.710  3.756   1.00 37.32 ? 5   DA  A "O3'" 1 
ATOM   89  C  "C2'" . DA  A 1 5  ? 3.959   -6.009  3.417   1.00 27.14 ? 5   DA  A "C2'" 1 
ATOM   90  C  "C1'" . DA  A 1 5  ? 2.750   -6.883  3.663   1.00 27.08 ? 5   DA  A "C1'" 1 
ATOM   91  N  N9    . DA  A 1 5  ? 1.471   -6.180  3.546   1.00 23.41 ? 5   DA  A N9    1 
ATOM   92  C  C8    . DA  A 1 5  ? 1.158   -4.972  4.110   1.00 23.71 ? 5   DA  A C8    1 
ATOM   93  N  N7    . DA  A 1 5  ? -0.057  -4.571  3.855   1.00 20.94 ? 5   DA  A N7    1 
ATOM   94  C  C5    . DA  A 1 5  ? -0.608  -5.610  3.128   1.00 21.53 ? 5   DA  A C5    1 
ATOM   95  C  C6    . DA  A 1 5  ? -1.883  -5.806  2.575   1.00 21.32 ? 5   DA  A C6    1 
ATOM   96  N  N6    . DA  A 1 5  ? -2.882  -4.923  2.684   1.00 20.64 ? 5   DA  A N6    1 
ATOM   97  N  N1    . DA  A 1 5  ? -2.099  -6.942  1.868   1.00 23.37 ? 5   DA  A N1    1 
ATOM   98  C  C2    . DA  A 1 5  ? -1.091  -7.824  1.757   1.00 20.98 ? 5   DA  A C2    1 
ATOM   99  N  N3    . DA  A 1 5  ? 0.155   -7.742  2.229   1.00 22.25 ? 5   DA  A N3    1 
ATOM   100 C  C4    . DA  A 1 5  ? 0.337   -6.594  2.895   1.00 22.10 ? 5   DA  A C4    1 
ATOM   101 P  P     . DT  A 1 6  ? 6.797   -7.479  2.697   1.00 36.61 ? 6   DT  A P     1 
ATOM   102 O  OP1   . DT  A 1 6  ? 7.647   -8.687  2.909   1.00 37.74 ? 6   DT  A OP1   1 
ATOM   103 O  OP2   . DT  A 1 6  ? 7.336   -6.120  2.955   1.00 40.35 ? 6   DT  A OP2   1 
ATOM   104 O  "O5'" . DT  A 1 6  ? 6.096   -7.620  1.288   1.00 32.57 ? 6   DT  A "O5'" 1 
ATOM   105 C  "C5'" . DT  A 1 6  ? 5.436   -8.799  0.902   1.00 30.73 ? 6   DT  A "C5'" 1 
ATOM   106 C  "C4'" . DT  A 1 6  ? 4.581   -8.526  -0.309  1.00 31.48 ? 6   DT  A "C4'" 1 
ATOM   107 O  "O4'" . DT  A 1 6  ? 3.408   -7.840  0.101   1.00 30.49 ? 6   DT  A "O4'" 1 
ATOM   108 C  "C3'" . DT  A 1 6  ? 5.168   -7.623  -1.390  1.00 33.87 ? 6   DT  A "C3'" 1 
ATOM   109 O  "O3'" . DT  A 1 6  ? 5.676   -8.522  -2.375  1.00 36.10 ? 6   DT  A "O3'" 1 
ATOM   110 C  "C2'" . DT  A 1 6  ? 3.954   -6.925  -1.989  1.00 30.94 ? 6   DT  A "C2'" 1 
ATOM   111 C  "C1'" . DT  A 1 6  ? 2.809   -7.348  -1.090  1.00 31.28 ? 6   DT  A "C1'" 1 
ATOM   112 N  N1    . DT  A 1 6  ? 1.900   -6.260  -0.696  1.00 23.71 ? 6   DT  A N1    1 
ATOM   113 C  C2    . DT  A 1 6  ? 0.583   -6.386  -1.036  1.00 24.81 ? 6   DT  A C2    1 
ATOM   114 O  O2    . DT  A 1 6  ? 0.162   -7.289  -1.722  1.00 26.39 ? 6   DT  A O2    1 
ATOM   115 N  N3    . DT  A 1 6  ? -0.217  -5.356  -0.620  1.00 24.74 ? 6   DT  A N3    1 
ATOM   116 C  C4    . DT  A 1 6  ? 0.149   -4.277  0.147   1.00 22.96 ? 6   DT  A C4    1 
ATOM   117 O  O4    . DT  A 1 6  ? -0.700  -3.447  0.461   1.00 25.09 ? 6   DT  A O4    1 
ATOM   118 C  C5    . DT  A 1 6  ? 1.561   -4.217  0.501   1.00 23.15 ? 6   DT  A C5    1 
ATOM   119 C  C7    . DT  A 1 6  ? 2.066   -3.080  1.337   1.00 23.01 ? 6   DT  A C7    1 
ATOM   120 C  C6    . DT  A 1 6  ? 2.352   -5.211  0.076   1.00 24.99 ? 6   DT  A C6    1 
ATOM   121 P  P     . DC  A 1 7  ? 6.859   -8.088  -3.378  1.00 35.88 ? 7   DC  A P     1 
ATOM   122 O  OP1   . DC  A 1 7  ? 7.211   -9.390  -4.028  1.00 43.99 ? 7   DC  A OP1   1 
ATOM   123 O  OP2   . DC  A 1 7  ? 7.890   -7.185  -2.865  1.00 34.53 ? 7   DC  A OP2   1 
ATOM   124 O  "O5'" . DC  A 1 7  ? 5.903   -7.314  -4.419  1.00 32.26 ? 7   DC  A "O5'" 1 
ATOM   125 C  "C5'" . DC  A 1 7  ? 5.018   -7.995  -5.330  1.00 24.89 ? 7   DC  A "C5'" 1 
ATOM   126 C  "C4'" . DC  A 1 7  ? 4.204   -6.986  -6.122  1.00 27.27 ? 7   DC  A "C4'" 1 
ATOM   127 O  "O4'" . DC  A 1 7  ? 3.148   -6.501  -5.284  1.00 26.52 ? 7   DC  A "O4'" 1 
ATOM   128 C  "C3'" . DC  A 1 7  ? 4.924   -5.717  -6.573  1.00 28.01 ? 7   DC  A "C3'" 1 
ATOM   129 O  "O3'" . DC  A 1 7  ? 5.623   -5.958  -7.821  1.00 29.34 ? 7   DC  A "O3'" 1 
ATOM   130 C  "C2'" . DC  A 1 7  ? 3.758   -4.741  -6.761  1.00 24.83 ? 7   DC  A "C2'" 1 
ATOM   131 C  "C1'" . DC  A 1 7  ? 2.638   -5.294  -5.836  1.00 26.02 ? 7   DC  A "C1'" 1 
ATOM   132 N  N1    . DC  A 1 7  ? 2.326   -4.377  -4.705  1.00 22.22 ? 7   DC  A N1    1 
ATOM   133 C  C2    . DC  A 1 7  ? 1.001   -4.105  -4.381  1.00 19.44 ? 7   DC  A C2    1 
ATOM   134 O  O2    . DC  A 1 7  ? 0.095   -4.736  -4.961  1.00 22.27 ? 7   DC  A O2    1 
ATOM   135 N  N3    . DC  A 1 7  ? 0.740   -3.221  -3.388  1.00 20.11 ? 7   DC  A N3    1 
ATOM   136 C  C4    . DC  A 1 7  ? 1.746   -2.591  -2.772  1.00 17.60 ? 7   DC  A C4    1 
ATOM   137 N  N4    . DC  A 1 7  ? 1.456   -1.689  -1.844  1.00 19.12 ? 7   DC  A N4    1 
ATOM   138 C  C5    . DC  A 1 7  ? 3.102   -2.858  -3.081  1.00 22.72 ? 7   DC  A C5    1 
ATOM   139 C  C6    . DC  A 1 7  ? 3.342   -3.714  -4.079  1.00 21.32 ? 7   DC  A C6    1 
ATOM   140 P  P     . DC  A 1 8  ? 7.004   -5.247  -8.059  1.00 30.37 ? 8   DC  A P     1 
ATOM   141 O  OP1   . DC  A 1 8  ? 7.429   -6.030  -9.243  1.00 33.95 ? 8   DC  A OP1   1 
ATOM   142 O  OP2   . DC  A 1 8  ? 7.814   -5.043  -6.851  1.00 30.35 ? 8   DC  A OP2   1 
ATOM   143 O  "O5'" . DC  A 1 8  ? 6.687   -3.769  -8.571  1.00 26.73 ? 8   DC  A "O5'" 1 
ATOM   144 C  "C5'" . DC  A 1 8  ? 5.770   -3.595  -9.683  1.00 19.09 ? 8   DC  A "C5'" 1 
ATOM   145 C  "C4'" . DC  A 1 8  ? 5.403   -2.136  -9.884  1.00 20.42 ? 8   DC  A "C4'" 1 
ATOM   146 O  "O4'" . DC  A 1 8  ? 4.468   -1.750  -8.869  1.00 19.34 ? 8   DC  A "O4'" 1 
ATOM   147 C  "C3'" . DC  A 1 8  ? 6.522   -1.127  -9.704  1.00 20.98 ? 8   DC  A "C3'" 1 
ATOM   148 O  "O3'" . DC  A 1 8  ? 7.210   -0.937  -10.928 1.00 22.50 ? 8   DC  A "O3'" 1 
ATOM   149 C  "C2'" . DC  A 1 8  ? 5.754   0.148   -9.389  1.00 20.97 ? 8   DC  A "C2'" 1 
ATOM   150 C  "C1'" . DC  A 1 8  ? 4.434   -0.348  -8.767  1.00 18.94 ? 8   DC  A "C1'" 1 
ATOM   151 N  N1    . DC  A 1 8  ? 4.268   -0.050  -7.348  1.00 19.74 ? 8   DC  A N1    1 
ATOM   152 C  C2    . DC  A 1 8  ? 3.200   0.761   -6.937  1.00 18.82 ? 8   DC  A C2    1 
ATOM   153 O  O2    . DC  A 1 8  ? 2.507   1.313   -7.807  1.00 19.39 ? 8   DC  A O2    1 
ATOM   154 N  N3    . DC  A 1 8  ? 2.977   0.936   -5.614  1.00 18.74 ? 8   DC  A N3    1 
ATOM   155 C  C4    . DC  A 1 8  ? 3.776   0.350   -4.721  1.00 18.53 ? 8   DC  A C4    1 
ATOM   156 N  N4    . DC  A 1 8  ? 3.543   0.564   -3.432  1.00 19.26 ? 8   DC  A N4    1 
ATOM   157 C  C5    . DC  A 1 8  ? 4.877   -0.472  -5.113  1.00 22.20 ? 8   DC  A C5    1 
ATOM   158 C  C6    . DC  A 1 8  ? 5.085   -0.640  -6.421  1.00 20.92 ? 8   DC  A C6    1 
ATOM   159 P  P     . DG  A 1 9  ? 8.619   -0.168  -11.048 1.00 24.99 ? 9   DG  A P     1 
ATOM   160 O  OP1   . DG  A 1 9  ? 9.127   -0.608  -12.362 1.00 28.50 ? 9   DG  A OP1   1 
ATOM   161 O  OP2   . DG  A 1 9  ? 9.370   -0.332  -9.811  1.00 26.11 ? 9   DG  A OP2   1 
ATOM   162 O  "O5'" . DG  A 1 9  ? 8.171   1.353   -11.234 1.00 24.48 ? 9   DG  A "O5'" 1 
ATOM   163 C  "C5'" . DG  A 1 9  ? 7.407   1.842   -12.380 1.00 22.08 ? 9   DG  A "C5'" 1 
ATOM   164 C  "C4'" . DG  A 1 9  ? 6.944   3.248   -12.109 1.00 23.00 ? 9   DG  A "C4'" 1 
ATOM   165 O  "O4'" . DG  A 1 9  ? 6.022   3.147   -11.025 1.00 22.24 ? 9   DG  A "O4'" 1 
ATOM   166 C  "C3'" . DG  A 1 9  ? 8.087   4.111   -11.568 1.00 25.81 ? 9   DG  A "C3'" 1 
ATOM   167 O  "O3'" . DG  A 1 9  ? 8.608   4.979   -12.575 1.00 40.20 ? 9   DG  A "O3'" 1 
ATOM   168 C  "C2'" . DG  A 1 9  ? 7.426   5.006   -10.546 1.00 28.36 ? 9   DG  A "C2'" 1 
ATOM   169 C  "C1'" . DG  A 1 9  ? 6.177   4.239   -10.124 1.00 24.96 ? 9   DG  A "C1'" 1 
ATOM   170 N  N9    . DG  A 1 9  ? 6.274   3.722   -8.768  1.00 22.30 ? 9   DG  A N9    1 
ATOM   171 C  C8    . DG  A 1 9  ? 7.308   3.039   -8.174  1.00 22.69 ? 9   DG  A C8    1 
ATOM   172 N  N7    . DG  A 1 9  ? 7.102   2.802   -6.902  1.00 20.63 ? 9   DG  A N7    1 
ATOM   173 C  C5    . DG  A 1 9  ? 5.865   3.380   -6.641  1.00 21.33 ? 9   DG  A C5    1 
ATOM   174 C  C6    . DG  A 1 9  ? 5.143   3.502   -5.425  1.00 20.03 ? 9   DG  A C6    1 
ATOM   175 O  O6    . DG  A 1 9  ? 5.427   3.045   -4.314  1.00 21.27 ? 9   DG  A O6    1 
ATOM   176 N  N1    . DG  A 1 9  ? 3.941   4.172   -5.610  1.00 20.00 ? 9   DG  A N1    1 
ATOM   177 C  C2    . DG  A 1 9  ? 3.522   4.723   -6.789  1.00 21.71 ? 9   DG  A C2    1 
ATOM   178 N  N2    . DG  A 1 9  ? 2.352   5.396   -6.749  1.00 20.67 ? 9   DG  A N2    1 
ATOM   179 N  N3    . DG  A 1 9  ? 4.214   4.673   -7.916  1.00 20.34 ? 9   DG  A N3    1 
ATOM   180 C  C4    . DG  A 1 9  ? 5.349   3.964   -7.778  1.00 20.63 ? 9   DG  A C4    1 
ATOM   181 P  P     . DG  A 1 10 ? 9.885   6.001   -12.295 1.00 47.32 ? 10  DG  A P     1 
ATOM   182 O  OP1   . DG  A 1 10 ? 10.476  6.352   -13.603 1.00 47.92 ? 10  DG  A OP1   1 
ATOM   183 O  OP2   . DG  A 1 10 ? 10.807  5.456   -11.254 1.00 42.16 ? 10  DG  A OP2   1 
ATOM   184 O  "O5'" . DG  A 1 10 ? 9.054   7.308   -11.832 1.00 38.74 ? 10  DG  A "O5'" 1 
ATOM   185 C  "C5'" . DG  A 1 10 ? 9.699   8.294   -10.957 1.00 35.66 ? 10  DG  A "C5'" 1 
ATOM   186 C  "C4'" . DG  A 1 10 ? 8.916   9.587   -10.898 1.00 31.35 ? 10  DG  A "C4'" 1 
ATOM   187 O  "O4'" . DG  A 1 10 ? 7.821   9.450   -9.946  1.00 31.31 ? 10  DG  A "O4'" 1 
ATOM   188 C  "C3'" . DG  A 1 10 ? 9.754   10.769  -10.401 1.00 32.39 ? 10  DG  A "C3'" 1 
ATOM   189 O  "O3'" . DG  A 1 10 ? 10.377  11.550  -11.439 1.00 31.53 ? 10  DG  A "O3'" 1 
ATOM   190 C  "C2'" . DG  A 1 10 ? 8.777   11.607  -9.594  1.00 25.37 ? 10  DG  A "C2'" 1 
ATOM   191 C  "C1'" . DG  A 1 10 ? 7.707   10.626  -9.137  1.00 30.28 ? 10  DG  A "C1'" 1 
ATOM   192 N  N9    . DG  A 1 10 ? 7.817   10.256  -7.722  1.00 27.78 ? 10  DG  A N9    1 
ATOM   193 C  C8    . DG  A 1 10 ? 6.869   10.511  -6.755  1.00 23.96 ? 10  DG  A C8    1 
ATOM   194 N  N7    . DG  A 1 10 ? 7.220   10.095  -5.569  1.00 21.49 ? 10  DG  A N7    1 
ATOM   195 C  C5    . DG  A 1 10 ? 8.470   9.513   -5.764  1.00 22.10 ? 10  DG  A C5    1 
ATOM   196 C  C6    . DG  A 1 10 ? 9.351   8.880   -4.838  1.00 25.65 ? 10  DG  A C6    1 
ATOM   197 O  O6    . DG  A 1 10 ? 9.205   8.718   -3.629  1.00 28.81 ? 10  DG  A O6    1 
ATOM   198 N  N1    . DG  A 1 10 ? 10.504  8.417   -5.460  1.00 26.62 ? 10  DG  A N1    1 
ATOM   199 C  C2    . DG  A 1 10 ? 10.774  8.532   -6.804  1.00 26.96 ? 10  DG  A C2    1 
ATOM   200 N  N2    . DG  A 1 10 ? 11.935  8.003   -7.222  1.00 30.32 ? 10  DG  A N2    1 
ATOM   201 N  N3    . DG  A 1 10 ? 9.957   9.097   -7.679  1.00 25.07 ? 10  DG  A N3    1 
ATOM   202 C  C4    . DG  A 1 10 ? 8.845   9.588   -7.090  1.00 22.46 ? 10  DG  A C4    1 
HETATM 203 RU RU    . RKP B 2 .  ? 1.580   10.152  -5.848  1.00 19.49 ? 101 RKP A RU    1 
HETATM 204 C  C1    . RKP B 2 .  ? 3.649   8.346   -5.184  1.00 18.97 ? 101 RKP A C1    1 
HETATM 205 N  N1    . RKP B 2 .  ? 2.840   9.379   -7.181  1.00 20.20 ? 101 RKP A N1    1 
HETATM 206 C  C2    . RKP B 2 .  ? 2.379   8.646   -3.236  1.00 20.22 ? 101 RKP A C2    1 
HETATM 207 N  N2    . RKP B 2 .  ? 2.499   8.892   -4.583  1.00 18.75 ? 101 RKP A N2    1 
HETATM 208 C  C3    . RKP B 2 .  ? 3.329   7.850   -2.563  1.00 20.33 ? 101 RKP A C3    1 
HETATM 209 N  N3    . RKP B 2 .  ? 6.724   6.304   -4.564  1.00 19.85 ? 101 RKP A N3    1 
HETATM 210 C  C4    . RKP B 2 .  ? 4.446   7.324   -3.183  1.00 18.01 ? 101 RKP A C4    1 
HETATM 211 N  N4    . RKP B 2 .  ? 6.996   6.780   -7.283  1.00 21.48 ? 101 RKP A N4    1 
HETATM 212 C  C5    . RKP B 2 .  ? 4.635   7.535   -4.570  1.00 19.09 ? 101 RKP A C5    1 
HETATM 213 N  N5    . RKP B 2 .  ? 2.936   11.508  -5.597  1.00 18.15 ? 101 RKP A N5    1 
HETATM 214 C  C6    . RKP B 2 .  ? 5.782   7.044   -5.235  1.00 19.48 ? 101 RKP A C6    1 
HETATM 215 C  C7    . RKP B 2 .  ? 5.932   7.251   -6.637  1.00 17.96 ? 101 RKP A C7    1 
HETATM 216 C  C8    . RKP B 2 .  ? 4.990   8.032   -7.304  1.00 19.15 ? 101 RKP A C8    1 
HETATM 217 N  N8    . RKP B 2 .  ? 0.759   11.430  -7.146  1.00 19.57 ? 101 RKP A N8    1 
HETATM 218 C  C9    . RKP B 2 .  ? 5.078   8.234   -8.656  1.00 20.90 ? 101 RKP A C9    1 
HETATM 219 N  N9    . RKP B 2 .  ? 0.151   8.798   -6.097  1.00 19.36 ? 101 RKP A N9    1 
HETATM 220 C  C10   . RKP B 2 .  ? 3.859   8.562   -6.597  1.00 18.27 ? 101 RKP A C10   1 
HETATM 221 C  C11   . RKP B 2 .  ? 4.100   9.010   -9.297  1.00 19.64 ? 101 RKP A C11   1 
HETATM 222 C  C12   . RKP B 2 .  ? 3.004   9.541   -8.556  1.00 19.42 ? 101 RKP A C12   1 
HETATM 223 N  N12   . RKP B 2 .  ? 0.320   10.850  -4.499  1.00 19.82 ? 101 RKP A N12   1 
HETATM 224 C  C13   . RKP B 2 .  ? 7.955   6.082   -6.585  1.00 22.97 ? 101 RKP A C13   1 
HETATM 225 C  C14   . RKP B 2 .  ? 9.086   5.624   -7.304  1.00 20.75 ? 101 RKP A C14   1 
HETATM 226 C  C15   . RKP B 2 .  ? 7.787   5.880   -5.216  1.00 20.69 ? 101 RKP A C15   1 
HETATM 227 C  C16   . RKP B 2 .  ? 8.727   5.114   -4.517  1.00 24.16 ? 101 RKP A C16   1 
HETATM 228 C  C17   . RKP B 2 .  ? 9.835   4.633   -5.182  1.00 22.88 ? 101 RKP A C17   1 
HETATM 229 C  C18   . RKP B 2 .  ? 10.041  4.879   -6.583  1.00 22.40 ? 101 RKP A C18   1 
HETATM 230 C  C19   . RKP B 2 .  ? 2.608   12.738  -6.322  1.00 19.65 ? 101 RKP A C19   1 
HETATM 231 C  C20   . RKP B 2 .  ? 3.973   11.787  -4.765  1.00 19.15 ? 101 RKP A C20   1 
HETATM 232 C  C21   . RKP B 2 .  ? 4.717   12.989  -4.767  1.00 19.72 ? 101 RKP A C21   1 
HETATM 233 C  C22   . RKP B 2 .  ? 3.319   13.963  -6.401  1.00 18.07 ? 101 RKP A C22   1 
HETATM 234 C  C23   . RKP B 2 .  ? 2.972   15.093  -7.213  1.00 18.50 ? 101 RKP A C23   1 
HETATM 235 C  C24   . RKP B 2 .  ? 1.906   14.988  -8.052  1.00 15.91 ? 101 RKP A C24   1 
HETATM 236 C  C25   . RKP B 2 .  ? 1.180   13.775  -8.121  1.00 18.63 ? 101 RKP A C25   1 
HETATM 237 C  C26   . RKP B 2 .  ? 1.525   12.611  -7.249  1.00 19.49 ? 101 RKP A C26   1 
HETATM 238 C  C27   . RKP B 2 .  ? -0.646  12.424  -8.903  1.00 20.02 ? 101 RKP A C27   1 
HETATM 239 C  C28   . RKP B 2 .  ? -0.239  11.291  -8.081  1.00 16.99 ? 101 RKP A C28   1 
HETATM 240 C  C29   . RKP B 2 .  ? -0.957  9.085   -5.341  1.00 21.25 ? 101 RKP A C29   1 
HETATM 241 C  C30   . RKP B 2 .  ? -0.013  7.722   -6.900  1.00 21.42 ? 101 RKP A C30   1 
HETATM 242 C  C31   . RKP B 2 .  ? -1.139  6.891   -6.975  1.00 23.46 ? 101 RKP A C31   1 
HETATM 243 C  C32   . RKP B 2 .  ? -2.147  8.295   -5.369  1.00 20.62 ? 101 RKP A C32   1 
HETATM 244 C  C33   . RKP B 2 .  ? -3.219  8.682   -4.546  1.00 23.89 ? 101 RKP A C33   1 
HETATM 245 C  C34   . RKP B 2 .  ? -3.155  9.779   -3.667  1.00 23.20 ? 101 RKP A C34   1 
HETATM 246 C  C35   . RKP B 2 .  ? -1.970  10.582  -3.628  1.00 19.37 ? 101 RKP A C35   1 
HETATM 247 C  C36   . RKP B 2 .  ? -0.877  10.193  -4.460  1.00 22.39 ? 101 RKP A C36   1 
HETATM 248 C  C37   . RKP B 2 .  ? -0.666  12.334  -2.784  1.00 20.61 ? 101 RKP A C37   1 
HETATM 249 C  C38   . RKP B 2 .  ? 0.370   11.918  -3.642  1.00 22.21 ? 101 RKP A C38   1 
HETATM 250 C  C41   . RKP B 2 .  ? 4.365   14.096  -5.583  1.00 16.26 ? 101 RKP A C41   1 
HETATM 251 C  C42   . RKP B 2 .  ? 0.120   13.617  -8.995  1.00 18.48 ? 101 RKP A C42   1 
HETATM 252 C  C43   . RKP B 2 .  ? -2.265  7.201   -6.229  1.00 21.84 ? 101 RKP A C43   1 
HETATM 253 C  C44   . RKP B 2 .  ? -1.837  11.650  -2.751  1.00 20.28 ? 101 RKP A C44   1 
HETATM 254 BA BA    . BA  C 3 .  ? -6.771  -3.368  5.504   1.00 21.08 ? 102 BA  A BA    1 
HETATM 255 O  O     . HOH D 4 .  ? -8.827  -5.124  5.217   1.00 25.99 ? 201 HOH A O     1 
HETATM 256 O  O     . HOH D 4 .  ? -5.602  -1.466  7.414   1.00 21.17 ? 202 HOH A O     1 
HETATM 257 O  O     . HOH D 4 .  ? -4.386  -2.129  3.998   1.00 23.24 ? 203 HOH A O     1 
HETATM 258 O  O     . HOH D 4 .  ? -7.733  -1.063  4.131   1.00 27.09 ? 204 HOH A O     1 
HETATM 259 O  O     . HOH D 4 .  ? -3.307  -0.441  7.465   1.00 26.27 ? 205 HOH A O     1 
HETATM 260 O  O     . HOH D 4 .  ? -1.308  -0.206  5.614   1.00 37.62 ? 206 HOH A O     1 
HETATM 261 O  O     . HOH D 4 .  ? -1.758  -2.318  4.051   1.00 22.03 ? 207 HOH A O     1 
HETATM 262 O  O     . HOH D 4 .  ? -7.033  -3.938  2.712   1.00 22.69 ? 208 HOH A O     1 
HETATM 263 O  O     . HOH D 4 .  ? -1.106  4.267   -9.828  1.00 15.65 ? 209 HOH A O     1 
HETATM 264 O  O     . HOH D 4 .  ? 0.560   -8.195  6.582   1.00 19.69 ? 210 HOH A O     1 
HETATM 265 O  O     . HOH D 4 .  ? 1.257   6.296   -9.512  1.00 19.23 ? 211 HOH A O     1 
HETATM 266 O  O     . HOH D 4 .  ? -3.307  10.568  -7.637  1.00 22.72 ? 212 HOH A O     1 
HETATM 267 O  O     . HOH D 4 .  ? -8.778  -2.078  7.041   1.00 21.60 ? 213 HOH A O     1 
HETATM 268 O  O     . HOH D 4 .  ? 1.382   0.018   3.069   1.00 34.30 ? 214 HOH A O     1 
HETATM 269 O  O     . HOH D 4 .  ? -4.442  -8.894  11.794  1.00 28.00 ? 215 HOH A O     1 
HETATM 270 O  O     . HOH D 4 .  ? -10.622 -8.115  3.084   1.00 28.14 ? 216 HOH A O     1 
HETATM 271 O  O     . HOH D 4 .  ? -4.633  -5.505  14.589  1.00 32.29 ? 217 HOH A O     1 
HETATM 272 O  O     . HOH D 4 .  ? -5.598  8.697   -6.933  1.00 27.89 ? 218 HOH A O     1 
HETATM 273 O  O     . HOH D 4 .  ? 1.633   -10.164 1.251   1.00 27.59 ? 219 HOH A O     1 
HETATM 274 O  O     . HOH D 4 .  ? 1.045   10.486  -11.787 1.00 33.52 ? 220 HOH A O     1 
HETATM 275 O  O     . HOH D 4 .  ? -11.433 -1.783  6.282   1.00 27.67 ? 221 HOH A O     1 
HETATM 276 O  O     . HOH D 4 .  ? 12.221  10.182  -12.415 1.00 39.31 ? 222 HOH A O     1 
HETATM 277 O  O     . HOH D 4 .  ? 0.255   8.431   -10.293 1.00 28.33 ? 223 HOH A O     1 
HETATM 278 O  O     . HOH D 4 .  ? 10.547  1.883   -8.744  1.00 43.69 ? 224 HOH A O     1 
HETATM 279 O  O     . HOH D 4 .  ? -1.046  -9.977  -1.722  0.50 35.61 ? 225 HOH A O     1 
HETATM 280 O  O     . HOH D 4 .  ? -10.486 1.252   14.068  1.00 35.36 ? 226 HOH A O     1 
HETATM 281 O  O     . HOH D 4 .  ? -13.281 -6.052  4.630   1.00 39.72 ? 227 HOH A O     1 
HETATM 282 O  O     . HOH D 4 .  ? 5.352   11.923  -7.992  1.00 43.60 ? 228 HOH A O     1 
HETATM 283 O  O     . HOH D 4 .  ? 3.009   -2.073  4.176   1.00 45.49 ? 229 HOH A O     1 
HETATM 284 O  O     . HOH D 4 .  ? 5.352   -4.075  0.164   1.00 40.80 ? 230 HOH A O     1 
HETATM 285 O  O     . HOH D 4 .  ? -11.836 -9.994  3.315   1.00 36.83 ? 231 HOH A O     1 
HETATM 286 O  O     . HOH D 4 .  ? 6.672   -3.769  -3.168  1.00 41.66 ? 232 HOH A O     1 
HETATM 287 O  O     . HOH D 4 .  ? 6.558   -8.908  6.913   1.00 36.72 ? 233 HOH A O     1 
HETATM 288 O  O     . HOH D 4 .  ? -7.843  1.764   7.172   1.00 38.86 ? 234 HOH A O     1 
HETATM 289 O  O     . HOH D 4 .  ? -3.528  6.181   -9.636  1.00 36.00 ? 235 HOH A O     1 
HETATM 290 O  O     . HOH D 4 .  ? 8.978   1.293   -5.521  1.00 36.54 ? 236 HOH A O     1 
HETATM 291 O  O     . HOH D 4 .  ? 6.283   -10.762 3.997   1.00 32.17 ? 237 HOH A O     1 
HETATM 292 O  O     . HOH D 4 .  ? -2.695  9.365   -9.884  1.00 42.60 ? 238 HOH A O     1 
HETATM 293 O  O     . HOH D 4 .  ? 8.924   -10.569 0.555   1.00 44.95 ? 239 HOH A O     1 
HETATM 294 O  O     . HOH D 4 .  ? -16.342 -7.970  7.700   1.00 42.01 ? 240 HOH A O     1 
HETATM 295 O  O     . HOH D 4 .  ? 1.231   -0.178  6.342   1.00 54.29 ? 241 HOH A O     1 
HETATM 296 O  O     . HOH D 4 .  ? -4.449  2.077   6.654   1.00 44.66 ? 242 HOH A O     1 
HETATM 297 O  O     . HOH D 4 .  ? -10.925 2.610   11.849  1.00 49.20 ? 243 HOH A O     1 
HETATM 298 O  O     . HOH D 4 .  ? 11.118  5.542   -1.699  1.00 56.45 ? 244 HOH A O     1 
HETATM 299 O  O     . HOH D 4 .  ? -0.068  -11.260 -3.548  1.00 40.61 ? 245 HOH A O     1 
HETATM 300 O  O     . HOH D 4 .  ? -13.759 -10.796 5.460   1.00 36.94 ? 246 HOH A O     1 
HETATM 301 O  O     . HOH D 4 .  ? -11.365 -4.895  3.919   1.00 40.53 ? 247 HOH A O     1 
HETATM 302 O  O     . HOH D 4 .  ? -0.899  -6.035  12.521  1.00 40.37 ? 248 HOH A O     1 
HETATM 303 O  O     . HOH D 4 .  ? 6.076   8.770   -12.149 1.00 44.56 ? 249 HOH A O     1 
HETATM 304 O  O     . HOH D 4 .  ? 9.606   9.452   -0.686  1.00 57.67 ? 250 HOH A O     1 
HETATM 305 O  O     . HOH D 4 .  ? -4.855  0.737   4.692   0.50 22.93 ? 251 HOH A O     1 
HETATM 306 O  O     . HOH D 4 .  ? 5.420   -5.958  10.142  1.00 49.37 ? 252 HOH A O     1 
HETATM 307 O  O     . HOH D 4 .  ? -2.150  -4.944  14.789  1.00 47.64 ? 253 HOH A O     1 
# 
